data_5W4Y
#
_entry.id   5W4Y
#
_cell.length_a   76.250
_cell.length_b   113.470
_cell.length_c   117.810
_cell.angle_alpha   90.00
_cell.angle_beta   90.00
_cell.angle_gamma   90.00
#
_symmetry.space_group_name_H-M   'P 21 21 21'
#
loop_
_entity.id
_entity.type
_entity.pdbx_description
1 polymer 'Riboflavin Lyase'
2 non-polymer 'FLAVIN MONONUCLEOTIDE'
3 water water
#
_entity_poly.entity_id   1
_entity_poly.type   'polypeptide(L)'
_entity_poly.pdbx_seq_one_letter_code
;GHMKGNTMKQLRFGLFENAQTNDSGTATWRHPDNQRHLFDTLDYWRNIAQICEDAGLDFVFLADAWGWADVNGERPDICD
VEGLDLPRLDPAIVAAALIASTTKLGLVMTGSTLLEQPYSFARRMASLDHLSKGRIGWNVVTTGTAETASAAFGVPMVAH
DDRYDMADDFMELVYKLWEGAWEPDALERDKQGRYADPAKVHRIDHEGPYFRSNGYGNTSYSPQGTPVLFQAGSSERGRQ
FGGRHGECIFLGGAPIPKLAEQVRAIRAEAVAEGRAADSIKLMAAFSCVIAPTHEEAVQKYQEVLDSQTPEVAVASYAWF
TGLDLSSYDPSTPMSELHTELSQTQVARFAGLTVGDVLADWHAHGVRTKPVVGTPEEVADAIVELAEGADLDGFLLTPVI
QPGSTIDFIEHVLPILRERGVAASGYDAPTLRERLLGTETPVLREDHPGAGYRAQSGALVG
;
_entity_poly.pdbx_strand_id   A,B
#
loop_
_chem_comp.id
_chem_comp.type
_chem_comp.name
_chem_comp.formula
FMN non-polymer 'FLAVIN MONONUCLEOTIDE' 'C17 H21 N4 O9 P'
#
# COMPACT_ATOMS: atom_id res chain seq x y z
N LYS A 9 3.32 10.33 35.74
CA LYS A 9 3.18 9.40 34.61
C LYS A 9 2.29 9.99 33.53
N GLN A 10 2.84 10.16 32.34
CA GLN A 10 2.12 10.83 31.26
C GLN A 10 1.44 9.80 30.38
N LEU A 11 0.11 9.83 30.32
CA LEU A 11 -0.65 8.88 29.56
C LEU A 11 -0.60 9.24 28.09
N ARG A 12 -0.55 8.22 27.26
CA ARG A 12 -0.62 8.34 25.81
C ARG A 12 -2.05 8.11 25.36
N PHE A 13 -2.43 8.75 24.25
CA PHE A 13 -3.78 8.71 23.72
C PHE A 13 -3.74 8.50 22.21
N GLY A 14 -4.45 7.49 21.79
CA GLY A 14 -4.62 7.19 20.39
C GLY A 14 -6.08 7.17 20.05
N LEU A 15 -6.37 7.32 18.77
CA LEU A 15 -7.73 7.25 18.25
C LEU A 15 -7.91 5.93 17.53
N PHE A 16 -8.94 5.19 17.88
CA PHE A 16 -9.28 3.93 17.22
C PHE A 16 -10.22 4.21 16.06
N GLU A 17 -9.79 3.91 14.85
CA GLU A 17 -10.60 4.18 13.65
C GLU A 17 -10.66 2.92 12.79
N ASN A 18 -11.57 2.89 11.84
CA ASN A 18 -11.46 1.89 10.79
C ASN A 18 -12.06 2.42 9.50
N ALA A 19 -11.57 1.85 8.43
CA ALA A 19 -11.83 2.39 7.10
C ALA A 19 -13.07 1.69 6.55
N GLN A 20 -14.17 1.90 7.28
CA GLN A 20 -15.51 1.47 6.88
C GLN A 20 -16.50 2.19 7.78
N THR A 21 -17.78 2.09 7.45
CA THR A 21 -18.77 2.92 8.12
C THR A 21 -19.08 2.42 9.52
N ASN A 22 -19.33 1.13 9.69
CA ASN A 22 -19.77 0.58 10.97
C ASN A 22 -18.77 -0.44 11.46
N ASP A 23 -18.77 -0.67 12.78
CA ASP A 23 -17.79 -1.57 13.39
C ASP A 23 -18.35 -2.22 14.63
N SER A 24 -17.75 -3.35 15.01
CA SER A 24 -17.93 -3.96 16.31
C SER A 24 -19.32 -4.53 16.56
N GLY A 25 -20.08 -4.81 15.51
CA GLY A 25 -21.41 -5.33 15.66
C GLY A 25 -22.49 -4.28 15.91
N THR A 26 -22.12 -3.01 15.89
CA THR A 26 -23.12 -1.95 15.97
C THR A 26 -23.24 -1.25 14.63
N ALA A 27 -24.21 -0.32 14.56
CA ALA A 27 -24.52 0.37 13.33
C ALA A 27 -25.23 1.68 13.63
N THR A 28 -24.49 2.68 14.08
CA THR A 28 -25.07 3.98 14.39
C THR A 28 -24.87 4.97 13.27
N TRP A 29 -24.64 4.48 12.06
CA TRP A 29 -24.41 5.34 10.89
C TRP A 29 -25.58 6.27 10.59
N ARG A 30 -26.80 5.90 10.99
CA ARG A 30 -27.94 6.79 10.67
C ARG A 30 -28.05 7.97 11.62
N HIS A 31 -27.22 8.05 12.65
CA HIS A 31 -27.30 9.20 13.55
C HIS A 31 -27.02 10.47 12.76
N PRO A 32 -27.83 11.51 12.92
CA PRO A 32 -27.68 12.70 12.06
C PRO A 32 -26.29 13.31 12.08
N ASP A 33 -25.53 13.16 13.17
CA ASP A 33 -24.19 13.75 13.26
C ASP A 33 -23.07 12.80 12.85
N ASN A 34 -23.38 11.55 12.53
CA ASN A 34 -22.33 10.62 12.17
C ASN A 34 -21.91 10.81 10.72
N GLN A 35 -20.60 10.92 10.49
CA GLN A 35 -20.06 11.15 9.15
C GLN A 35 -19.30 9.96 8.59
N ARG A 36 -19.32 8.83 9.30
CA ARG A 36 -18.52 7.68 8.91
C ARG A 36 -19.00 7.04 7.60
N HIS A 37 -20.21 7.36 7.14
CA HIS A 37 -20.58 6.92 5.82
C HIS A 37 -19.70 7.52 4.72
N LEU A 38 -18.87 8.53 5.04
CA LEU A 38 -17.92 9.15 4.11
C LEU A 38 -16.52 8.54 4.20
N PHE A 39 -16.39 7.35 4.78
CA PHE A 39 -15.07 6.76 4.98
C PHE A 39 -14.28 6.57 3.70
N ASP A 40 -14.92 6.55 2.55
CA ASP A 40 -14.18 6.26 1.32
C ASP A 40 -13.76 7.54 0.59
N THR A 41 -13.78 8.66 1.28
CA THR A 41 -13.33 9.93 0.74
C THR A 41 -12.08 10.37 1.50
N LEU A 42 -11.15 10.93 0.76
CA LEU A 42 -9.94 11.42 1.42
C LEU A 42 -10.28 12.56 2.37
N ASP A 43 -11.31 13.34 2.07
CA ASP A 43 -11.63 14.48 2.92
C ASP A 43 -12.03 14.05 4.34
N TYR A 44 -12.72 12.92 4.47
CA TYR A 44 -13.03 12.39 5.81
C TYR A 44 -11.74 12.18 6.60
N TRP A 45 -10.76 11.50 6.00
CA TRP A 45 -9.52 11.15 6.67
C TRP A 45 -8.64 12.35 6.91
N ARG A 46 -8.60 13.28 5.97
CA ARG A 46 -7.88 14.53 6.19
C ARG A 46 -8.42 15.24 7.42
N ASN A 47 -9.75 15.27 7.56
CA ASN A 47 -10.36 15.96 8.70
C ASN A 47 -10.03 15.25 10.01
N ILE A 48 -10.15 13.92 10.04
CA ILE A 48 -9.84 13.19 11.27
C ILE A 48 -8.40 13.43 11.69
N ALA A 49 -7.49 13.40 10.72
CA ALA A 49 -6.08 13.46 11.07
C ALA A 49 -5.71 14.86 11.52
N GLN A 50 -6.35 15.88 10.97
CA GLN A 50 -6.08 17.24 11.41
C GLN A 50 -6.61 17.48 12.82
N ILE A 51 -7.82 16.99 13.09
CA ILE A 51 -8.39 17.08 14.43
C ILE A 51 -7.43 16.47 15.44
N CYS A 52 -6.92 15.26 15.16
CA CYS A 52 -6.00 14.56 16.05
C CYS A 52 -4.65 15.25 16.14
N GLU A 53 -4.10 15.67 15.00
CA GLU A 53 -2.80 16.32 15.05
C GLU A 53 -2.87 17.65 15.75
N ASP A 54 -3.91 18.44 15.48
CA ASP A 54 -4.04 19.71 16.17
C ASP A 54 -4.14 19.52 17.68
N ALA A 55 -4.73 18.41 18.14
CA ALA A 55 -4.86 18.17 19.56
C ALA A 55 -3.64 17.52 20.19
N GLY A 56 -2.65 17.10 19.39
CA GLY A 56 -1.50 16.42 19.93
C GLY A 56 -1.75 14.99 20.34
N LEU A 57 -2.77 14.34 19.79
CA LEU A 57 -2.92 12.91 20.03
C LEU A 57 -1.73 12.17 19.46
N ASP A 58 -1.37 11.10 20.13
CA ASP A 58 -0.15 10.38 19.80
C ASP A 58 -0.27 9.67 18.46
N PHE A 59 -1.43 9.10 18.15
CA PHE A 59 -1.56 8.37 16.91
C PHE A 59 -3.04 8.16 16.56
N VAL A 60 -3.25 7.87 15.29
CA VAL A 60 -4.49 7.30 14.82
C VAL A 60 -4.20 5.84 14.48
N PHE A 61 -5.08 4.95 14.91
CA PHE A 61 -4.94 3.52 14.69
C PHE A 61 -6.05 3.08 13.73
N LEU A 62 -5.68 2.42 12.65
CA LEU A 62 -6.62 1.88 11.67
C LEU A 62 -6.74 0.39 11.87
N ALA A 63 -7.89 -0.05 12.34
CA ALA A 63 -8.23 -1.46 12.40
C ALA A 63 -8.41 -2.00 11.00
N ASP A 64 -8.47 -3.31 10.90
CA ASP A 64 -8.77 -3.92 9.61
C ASP A 64 -9.44 -5.27 9.80
N ALA A 65 -10.13 -5.70 8.75
CA ALA A 65 -10.73 -7.03 8.62
C ALA A 65 -10.70 -7.37 7.14
N TRP A 66 -10.71 -8.67 6.84
CA TRP A 66 -10.70 -9.16 5.47
C TRP A 66 -11.98 -9.88 5.10
N GLY A 67 -12.68 -10.45 6.08
CA GLY A 67 -13.89 -11.22 5.85
C GLY A 67 -15.17 -10.42 5.91
N TRP A 68 -16.26 -11.13 6.13
CA TRP A 68 -17.57 -10.51 6.09
C TRP A 68 -18.50 -11.31 6.99
N ALA A 69 -19.74 -10.82 7.09
CA ALA A 69 -20.72 -11.42 7.98
C ALA A 69 -21.24 -12.74 7.42
N ASP A 70 -21.43 -13.71 8.32
CA ASP A 70 -21.87 -15.06 7.95
C ASP A 70 -22.92 -15.44 9.01
N VAL A 71 -24.17 -15.08 8.74
CA VAL A 71 -25.30 -15.32 9.64
C VAL A 71 -26.06 -16.54 9.13
N ASN A 72 -26.03 -17.63 9.88
CA ASN A 72 -26.63 -18.89 9.42
C ASN A 72 -26.11 -19.25 8.04
N GLY A 73 -24.81 -19.05 7.83
CA GLY A 73 -24.11 -19.54 6.63
C GLY A 73 -24.27 -18.67 5.38
N GLU A 74 -25.21 -17.73 5.40
CA GLU A 74 -25.45 -16.78 4.34
C GLU A 74 -25.04 -15.40 4.84
N ARG A 75 -25.02 -14.45 3.92
CA ARG A 75 -24.88 -13.04 4.26
C ARG A 75 -26.24 -12.37 4.08
N PRO A 76 -26.99 -12.11 5.14
CA PRO A 76 -28.36 -11.61 4.98
C PRO A 76 -28.41 -10.17 4.51
N ASP A 77 -29.58 -9.82 3.97
CA ASP A 77 -29.79 -8.53 3.34
C ASP A 77 -29.52 -7.38 4.30
N ILE A 78 -29.79 -7.56 5.58
CA ILE A 78 -29.59 -6.47 6.52
C ILE A 78 -28.13 -6.03 6.59
N CYS A 79 -27.17 -6.92 6.26
CA CYS A 79 -25.77 -6.50 6.22
C CYS A 79 -25.54 -5.37 5.22
N ASP A 80 -26.23 -5.40 4.09
CA ASP A 80 -26.12 -4.29 3.15
C ASP A 80 -27.08 -3.14 3.48
N VAL A 81 -28.31 -3.43 3.92
CA VAL A 81 -29.22 -2.33 4.22
C VAL A 81 -28.64 -1.46 5.32
N GLU A 82 -27.87 -2.03 6.25
CA GLU A 82 -27.29 -1.27 7.34
C GLU A 82 -25.78 -1.12 7.27
N GLY A 83 -25.12 -1.60 6.21
CA GLY A 83 -23.66 -1.55 6.13
C GLY A 83 -22.91 -2.12 7.33
N LEU A 84 -23.31 -3.31 7.75
CA LEU A 84 -22.77 -3.86 9.00
C LEU A 84 -21.31 -4.23 8.88
N ASP A 85 -20.89 -4.76 7.72
CA ASP A 85 -19.58 -5.41 7.58
C ASP A 85 -18.74 -4.88 6.42
N LEU A 86 -19.39 -4.42 5.36
CA LEU A 86 -18.74 -4.02 4.12
C LEU A 86 -19.44 -2.79 3.56
N PRO A 87 -18.81 -2.04 2.64
CA PRO A 87 -17.45 -2.19 2.12
C PRO A 87 -16.40 -1.56 3.02
N ARG A 88 -15.13 -1.71 2.66
CA ARG A 88 -14.06 -1.11 3.43
C ARG A 88 -12.92 -0.72 2.48
N LEU A 89 -11.97 0.06 3.01
CA LEU A 89 -10.73 0.38 2.31
C LEU A 89 -9.54 -0.32 2.94
N ASP A 90 -8.46 -0.42 2.17
CA ASP A 90 -7.19 -0.91 2.67
C ASP A 90 -6.52 0.09 3.61
N PRO A 91 -6.16 -0.31 4.84
CA PRO A 91 -5.59 0.68 5.78
C PRO A 91 -4.20 1.16 5.43
N ALA A 92 -3.35 0.36 4.77
CA ALA A 92 -2.05 0.88 4.39
C ALA A 92 -2.19 2.06 3.43
N ILE A 93 -3.17 1.99 2.53
CA ILE A 93 -3.38 3.08 1.59
C ILE A 93 -3.89 4.33 2.32
N VAL A 94 -4.86 4.17 3.25
CA VAL A 94 -5.33 5.33 4.03
C VAL A 94 -4.16 5.94 4.81
N ALA A 95 -3.36 5.08 5.44
CA ALA A 95 -2.22 5.52 6.25
C ALA A 95 -1.24 6.30 5.41
N ALA A 96 -0.95 5.80 4.21
CA ALA A 96 0.00 6.50 3.35
C ALA A 96 -0.55 7.86 2.94
N ALA A 97 -1.82 7.91 2.60
CA ALA A 97 -2.42 9.22 2.29
C ALA A 97 -2.36 10.16 3.48
N LEU A 98 -2.54 9.64 4.69
CA LEU A 98 -2.51 10.49 5.88
C LEU A 98 -1.11 10.96 6.25
N ILE A 99 -0.07 10.17 5.93
CA ILE A 99 1.33 10.63 6.02
C ILE A 99 1.49 12.01 5.42
N ALA A 100 1.03 12.17 4.18
CA ALA A 100 1.23 13.34 3.38
C ALA A 100 0.42 14.54 3.84
N SER A 101 -0.55 14.33 4.72
CA SER A 101 -1.39 15.36 5.32
C SER A 101 -0.92 15.79 6.70
N THR A 102 0.06 15.10 7.30
CA THR A 102 0.44 15.29 8.69
C THR A 102 1.95 15.40 8.77
N THR A 103 2.45 15.81 9.94
CA THR A 103 3.91 15.82 10.10
C THR A 103 4.37 15.11 11.36
N LYS A 104 3.55 15.09 12.41
CA LYS A 104 3.93 14.50 13.69
C LYS A 104 3.04 13.36 14.13
N LEU A 105 1.79 13.37 13.72
CA LEU A 105 0.85 12.33 14.12
C LEU A 105 1.35 10.93 13.78
N GLY A 106 1.24 10.02 14.75
CA GLY A 106 1.52 8.62 14.47
C GLY A 106 0.36 7.95 13.75
N LEU A 107 0.71 6.93 12.97
CA LEU A 107 -0.24 6.16 12.19
C LEU A 107 0.06 4.70 12.46
N VAL A 108 -0.93 4.01 12.97
CA VAL A 108 -0.82 2.59 13.30
C VAL A 108 -1.82 1.85 12.44
N MET A 109 -1.36 0.80 11.78
CA MET A 109 -2.29 0.02 10.96
C MET A 109 -2.24 -1.46 11.28
N THR A 110 -3.41 -2.08 11.22
CA THR A 110 -3.52 -3.53 11.31
C THR A 110 -2.98 -4.17 10.06
N GLY A 111 -2.28 -5.29 10.24
CA GLY A 111 -1.77 -6.12 9.17
C GLY A 111 -1.77 -7.56 9.62
N SER A 112 -2.22 -8.47 8.76
CA SER A 112 -2.41 -9.88 9.08
C SER A 112 -1.22 -10.75 8.73
N THR A 113 -0.72 -11.51 9.71
CA THR A 113 0.31 -12.50 9.47
C THR A 113 -0.24 -13.72 8.75
N LEU A 114 -1.56 -13.90 8.73
CA LEU A 114 -2.11 -15.07 8.06
C LEU A 114 -2.20 -14.83 6.55
N LEU A 115 -2.42 -13.60 6.15
CA LEU A 115 -2.78 -13.32 4.77
C LEU A 115 -1.78 -12.46 4.02
N GLU A 116 -0.88 -11.76 4.71
CA GLU A 116 0.17 -11.00 4.04
C GLU A 116 1.35 -11.89 3.74
N GLN A 117 2.05 -11.57 2.72
CA GLN A 117 3.34 -12.14 2.41
C GLN A 117 4.41 -11.28 3.06
N PRO A 118 5.29 -11.87 3.85
CA PRO A 118 6.20 -11.05 4.66
C PRO A 118 7.17 -10.22 3.83
N TYR A 119 7.67 -10.72 2.71
CA TYR A 119 8.64 -9.93 1.95
C TYR A 119 8.01 -8.64 1.41
N SER A 120 6.81 -8.70 0.85
CA SER A 120 6.21 -7.47 0.37
C SER A 120 5.64 -6.62 1.49
N PHE A 121 5.12 -7.26 2.55
CA PHE A 121 4.67 -6.52 3.73
C PHE A 121 5.82 -5.74 4.36
N ALA A 122 6.99 -6.38 4.50
CA ALA A 122 8.14 -5.69 5.06
C ALA A 122 8.48 -4.45 4.23
N ARG A 123 8.46 -4.58 2.91
CA ARG A 123 8.79 -3.45 2.06
C ARG A 123 7.74 -2.36 2.19
N ARG A 124 6.45 -2.73 2.26
CA ARG A 124 5.37 -1.76 2.36
C ARG A 124 5.47 -0.98 3.66
N MET A 125 5.71 -1.68 4.78
CA MET A 125 5.80 -1.00 6.07
C MET A 125 7.05 -0.14 6.17
N ALA A 126 8.17 -0.62 5.61
CA ALA A 126 9.37 0.21 5.66
C ALA A 126 9.23 1.45 4.78
N SER A 127 8.48 1.35 3.67
CA SER A 127 8.19 2.49 2.82
C SER A 127 7.37 3.53 3.57
N LEU A 128 6.36 3.10 4.33
CA LEU A 128 5.61 4.03 5.18
C LEU A 128 6.51 4.66 6.24
N ASP A 129 7.44 3.88 6.78
CA ASP A 129 8.32 4.42 7.82
C ASP A 129 9.29 5.46 7.24
N HIS A 130 9.87 5.19 6.07
CA HIS A 130 10.72 6.16 5.38
C HIS A 130 9.95 7.43 5.08
N LEU A 131 8.81 7.30 4.41
CA LEU A 131 8.10 8.49 3.97
C LEU A 131 7.59 9.31 5.15
N SER A 132 7.21 8.66 6.25
CA SER A 132 6.67 9.36 7.40
C SER A 132 7.74 9.85 8.39
N LYS A 133 9.00 9.53 8.17
CA LYS A 133 10.09 9.90 9.08
C LYS A 133 9.89 9.25 10.43
N GLY A 134 9.42 8.03 10.39
CA GLY A 134 9.41 7.20 11.57
C GLY A 134 8.16 7.32 12.41
N ARG A 135 7.01 7.53 11.80
CA ARG A 135 5.78 7.62 12.59
C ARG A 135 4.81 6.45 12.39
N ILE A 136 5.28 5.24 12.07
CA ILE A 136 4.38 4.14 11.78
C ILE A 136 4.38 3.04 12.81
N GLY A 137 3.21 2.46 12.99
CA GLY A 137 3.02 1.32 13.86
C GLY A 137 2.24 0.25 13.13
N TRP A 138 2.37 -0.97 13.65
CA TRP A 138 1.78 -2.16 13.05
C TRP A 138 1.09 -2.93 14.16
N ASN A 139 -0.23 -3.04 14.05
CA ASN A 139 -1.03 -3.89 14.93
C ASN A 139 -1.03 -5.30 14.32
N VAL A 140 -0.33 -6.20 14.99
CA VAL A 140 -0.09 -7.57 14.51
C VAL A 140 -1.32 -8.42 14.78
N VAL A 141 -2.03 -8.83 13.73
CA VAL A 141 -3.18 -9.71 13.93
C VAL A 141 -2.93 -11.03 13.21
N THR A 142 -3.61 -12.06 13.70
CA THR A 142 -3.70 -13.33 13.00
C THR A 142 -5.07 -13.54 12.36
N THR A 143 -5.63 -12.48 11.76
CA THR A 143 -7.02 -12.40 11.35
C THR A 143 -8.02 -12.87 12.41
N GLY A 144 -9.15 -12.18 12.50
CA GLY A 144 -10.24 -12.58 13.35
C GLY A 144 -11.40 -13.08 12.51
N THR A 145 -11.40 -12.73 11.23
CA THR A 145 -12.43 -13.19 10.29
C THR A 145 -11.97 -14.45 9.53
N ALA A 146 -11.35 -15.39 10.25
CA ALA A 146 -10.53 -16.42 9.62
C ALA A 146 -11.29 -17.22 8.57
N GLU A 147 -12.52 -17.64 8.85
CA GLU A 147 -13.21 -18.53 7.92
C GLU A 147 -13.47 -17.83 6.59
N THR A 148 -14.17 -16.71 6.61
CA THR A 148 -14.49 -16.05 5.34
C THR A 148 -13.24 -15.51 4.69
N ALA A 149 -12.26 -15.05 5.48
CA ALA A 149 -11.08 -14.45 4.88
C ALA A 149 -10.30 -15.49 4.09
N SER A 150 -10.22 -16.72 4.64
CA SER A 150 -9.50 -17.79 3.97
C SER A 150 -10.13 -18.13 2.65
N ALA A 151 -11.46 -18.17 2.59
CA ALA A 151 -12.13 -18.48 1.35
C ALA A 151 -11.89 -17.40 0.31
N ALA A 152 -11.73 -16.14 0.75
CA ALA A 152 -11.55 -15.06 -0.21
C ALA A 152 -10.18 -15.15 -0.88
N PHE A 153 -9.17 -15.56 -0.11
CA PHE A 153 -7.81 -15.74 -0.59
C PHE A 153 -7.56 -17.10 -1.19
N GLY A 154 -8.53 -18.02 -1.11
CA GLY A 154 -8.39 -19.32 -1.70
C GLY A 154 -7.48 -20.24 -0.93
N VAL A 155 -7.30 -20.00 0.37
CA VAL A 155 -6.34 -20.78 1.15
C VAL A 155 -7.01 -21.64 2.22
N PRO A 156 -6.41 -22.76 2.61
CA PRO A 156 -7.03 -23.56 3.67
C PRO A 156 -6.99 -22.82 5.00
N MET A 157 -7.93 -23.18 5.87
CA MET A 157 -8.00 -22.57 7.18
C MET A 157 -6.89 -23.12 8.06
N VAL A 158 -6.42 -22.31 9.00
CA VAL A 158 -5.38 -22.76 9.91
C VAL A 158 -5.89 -22.57 11.33
N ALA A 159 -5.67 -23.55 12.21
CA ALA A 159 -6.15 -23.51 13.59
C ALA A 159 -5.65 -22.31 14.38
N HIS A 160 -6.43 -21.93 15.38
CA HIS A 160 -6.10 -20.77 16.22
C HIS A 160 -4.65 -20.78 16.68
N ASP A 161 -4.24 -21.83 17.40
CA ASP A 161 -2.89 -21.85 17.94
C ASP A 161 -1.84 -21.97 16.85
N ASP A 162 -2.16 -22.68 15.75
CA ASP A 162 -1.25 -22.71 14.61
C ASP A 162 -1.05 -21.34 13.99
N ARG A 163 -2.09 -20.48 14.00
CA ARG A 163 -1.94 -19.15 13.45
C ARG A 163 -0.87 -18.36 14.20
N TYR A 164 -0.78 -18.54 15.51
CA TYR A 164 0.26 -17.87 16.28
C TYR A 164 1.65 -18.45 16.03
N ASP A 165 1.75 -19.74 15.75
CA ASP A 165 3.04 -20.32 15.33
C ASP A 165 3.48 -19.78 13.97
N MET A 166 2.53 -19.63 13.04
CA MET A 166 2.84 -18.99 11.76
C MET A 166 3.25 -17.54 11.96
N ALA A 167 2.61 -16.86 12.90
CA ALA A 167 2.93 -15.48 13.21
C ALA A 167 4.35 -15.34 13.76
N ASP A 168 4.80 -16.29 14.60
CA ASP A 168 6.19 -16.26 15.08
C ASP A 168 7.16 -16.36 13.92
N ASP A 169 6.88 -17.23 12.95
CA ASP A 169 7.74 -17.37 11.77
C ASP A 169 7.70 -16.10 10.92
N PHE A 170 6.52 -15.51 10.74
CA PHE A 170 6.38 -14.24 10.04
C PHE A 170 7.22 -13.15 10.69
N MET A 171 7.16 -13.05 12.04
CA MET A 171 7.92 -12.03 12.76
C MET A 171 9.41 -12.21 12.53
N GLU A 172 9.89 -13.46 12.62
CA GLU A 172 11.31 -13.69 12.46
C GLU A 172 11.78 -13.21 11.09
N LEU A 173 11.01 -13.48 10.05
CA LEU A 173 11.39 -13.05 8.70
C LEU A 173 11.36 -11.53 8.55
N VAL A 174 10.31 -10.87 9.05
CA VAL A 174 10.29 -9.41 8.86
C VAL A 174 11.35 -8.73 9.74
N TYR A 175 11.67 -9.28 10.90
CA TYR A 175 12.80 -8.76 11.67
C TYR A 175 14.10 -8.84 10.89
N LYS A 176 14.36 -9.98 10.24
CA LYS A 176 15.57 -10.08 9.42
C LYS A 176 15.58 -9.02 8.33
N LEU A 177 14.45 -8.81 7.69
CA LEU A 177 14.38 -7.84 6.60
C LEU A 177 14.51 -6.41 7.10
N TRP A 178 13.89 -6.10 8.26
CA TRP A 178 13.94 -4.73 8.78
C TRP A 178 15.24 -4.45 9.53
N GLU A 179 15.76 -5.41 10.29
CA GLU A 179 16.88 -5.11 11.17
C GLU A 179 18.18 -5.68 10.66
N GLY A 180 18.15 -6.73 9.82
CA GLY A 180 19.36 -7.46 9.51
C GLY A 180 19.89 -7.28 8.10
N ALA A 181 19.05 -6.78 7.20
CA ALA A 181 19.40 -6.76 5.79
C ALA A 181 20.25 -5.54 5.40
N TRP A 182 19.95 -4.38 6.01
CA TRP A 182 20.71 -3.14 5.80
C TRP A 182 21.04 -2.56 7.17
N GLU A 183 22.32 -2.33 7.43
CA GLU A 183 22.68 -1.66 8.66
C GLU A 183 22.21 -0.21 8.65
N PRO A 184 22.02 0.39 9.83
CA PRO A 184 21.41 1.72 9.89
C PRO A 184 22.14 2.78 9.10
N ASP A 185 23.47 2.69 9.00
CA ASP A 185 24.25 3.69 8.25
C ASP A 185 24.81 3.11 6.96
N ALA A 186 24.11 2.17 6.34
CA ALA A 186 24.59 1.60 5.08
C ALA A 186 24.60 2.64 3.97
N LEU A 187 23.55 3.48 3.93
CA LEU A 187 23.41 4.51 2.90
C LEU A 187 24.26 5.72 3.24
N GLU A 188 25.16 6.08 2.34
CA GLU A 188 26.00 7.26 2.49
C GLU A 188 25.64 8.34 1.49
N ARG A 189 25.31 7.94 0.27
CA ARG A 189 24.86 8.84 -0.78
C ARG A 189 25.76 10.05 -0.89
N ASP A 190 27.05 9.77 -0.87
CA ASP A 190 28.11 10.78 -1.05
C ASP A 190 28.49 10.79 -2.53
N LYS A 191 28.07 11.83 -3.25
CA LYS A 191 28.32 11.88 -4.68
C LYS A 191 29.81 11.86 -5.02
N GLN A 192 30.66 12.18 -4.04
CA GLN A 192 32.11 12.10 -4.20
C GLN A 192 32.70 10.81 -3.64
N GLY A 193 31.89 10.01 -2.96
CA GLY A 193 32.34 8.76 -2.37
C GLY A 193 31.46 7.61 -2.80
N ARG A 194 30.82 6.94 -1.84
CA ARG A 194 30.00 5.76 -2.11
C ARG A 194 28.52 6.11 -1.99
N TYR A 195 27.70 5.44 -2.80
CA TYR A 195 26.27 5.49 -2.57
C TYR A 195 25.91 4.72 -1.29
N ALA A 196 26.41 3.50 -1.17
CA ALA A 196 26.20 2.67 0.00
C ALA A 196 27.48 1.90 0.30
N ASP A 197 27.64 1.54 1.57
CA ASP A 197 28.81 0.77 2.00
C ASP A 197 28.51 -0.70 1.82
N PRO A 198 29.16 -1.39 0.87
CA PRO A 198 28.75 -2.78 0.58
C PRO A 198 28.92 -3.74 1.74
N ALA A 199 29.84 -3.46 2.67
CA ALA A 199 29.98 -4.29 3.87
C ALA A 199 28.80 -4.20 4.81
N LYS A 200 27.94 -3.20 4.67
CA LYS A 200 26.77 -3.04 5.54
C LYS A 200 25.46 -3.46 4.87
N VAL A 201 25.53 -4.13 3.72
CA VAL A 201 24.35 -4.63 3.01
C VAL A 201 24.45 -6.14 2.93
N HIS A 202 23.46 -6.84 3.49
CA HIS A 202 23.55 -8.26 3.79
C HIS A 202 22.43 -9.06 3.14
N ARG A 203 22.79 -10.22 2.60
CA ARG A 203 21.81 -11.23 2.26
C ARG A 203 21.18 -11.74 3.54
N ILE A 204 19.91 -12.12 3.45
CA ILE A 204 19.26 -12.86 4.52
C ILE A 204 18.97 -14.25 4.01
N ASP A 205 18.87 -15.18 4.93
CA ASP A 205 18.47 -16.55 4.65
C ASP A 205 17.45 -16.93 5.72
N HIS A 206 16.30 -17.39 5.29
CA HIS A 206 15.25 -17.78 6.23
C HIS A 206 14.56 -19.02 5.72
N GLU A 207 14.54 -20.05 6.54
CA GLU A 207 13.93 -21.34 6.21
C GLU A 207 13.05 -21.71 7.41
N GLY A 208 11.83 -21.24 7.40
CA GLY A 208 10.91 -21.49 8.49
C GLY A 208 9.84 -22.53 8.16
N PRO A 209 9.01 -22.87 9.15
CA PRO A 209 7.89 -23.80 8.88
C PRO A 209 6.86 -23.27 7.90
N TYR A 210 6.67 -21.96 7.84
CA TYR A 210 5.64 -21.33 7.01
C TYR A 210 6.19 -20.44 5.91
N PHE A 211 7.38 -19.86 6.10
CA PHE A 211 7.90 -18.87 5.17
C PHE A 211 9.36 -19.18 4.85
N ARG A 212 9.76 -18.78 3.65
CA ARG A 212 11.12 -18.96 3.16
C ARG A 212 11.51 -17.68 2.42
N SER A 213 12.75 -17.25 2.60
CA SER A 213 13.29 -16.11 1.87
C SER A 213 14.79 -16.28 1.77
N ASN A 214 15.34 -15.98 0.59
CA ASN A 214 16.79 -16.03 0.40
C ASN A 214 17.13 -14.87 -0.53
N GLY A 215 17.87 -13.91 -0.02
CA GLY A 215 18.35 -12.82 -0.85
C GLY A 215 18.42 -11.54 -0.03
N TYR A 216 18.43 -10.43 -0.76
CA TYR A 216 18.56 -9.12 -0.17
C TYR A 216 17.18 -8.55 0.07
N GLY A 217 17.11 -7.56 0.99
CA GLY A 217 15.87 -6.85 1.22
C GLY A 217 15.74 -5.60 0.33
N ASN A 218 14.49 -5.26 -0.05
CA ASN A 218 14.29 -4.12 -0.97
C ASN A 218 14.59 -2.77 -0.31
N THR A 219 14.22 -2.59 0.96
CA THR A 219 14.30 -1.27 1.60
C THR A 219 15.49 -1.21 2.55
N SER A 220 16.14 -0.07 2.56
CA SER A 220 17.21 0.17 3.51
C SER A 220 16.63 0.52 4.88
N TYR A 221 17.53 0.64 5.87
CA TYR A 221 17.14 0.76 7.27
C TYR A 221 16.28 2.00 7.46
N SER A 222 15.07 1.81 7.94
CA SER A 222 14.11 2.90 8.04
C SER A 222 14.31 3.65 9.35
N PRO A 223 13.66 4.80 9.52
CA PRO A 223 13.99 5.65 10.69
C PRO A 223 13.73 4.97 12.03
N GLN A 224 12.74 4.08 12.13
CA GLN A 224 12.54 3.31 13.36
C GLN A 224 13.06 1.90 13.28
N GLY A 225 13.53 1.47 12.10
CA GLY A 225 13.94 0.10 11.86
C GLY A 225 12.74 -0.82 11.66
N THR A 226 12.06 -1.09 12.71
CA THR A 226 10.84 -1.87 12.78
C THR A 226 9.69 -0.94 13.20
N PRO A 227 8.54 -0.98 12.56
CA PRO A 227 7.41 -0.20 13.08
C PRO A 227 7.13 -0.54 14.54
N VAL A 228 6.55 0.43 15.26
CA VAL A 228 6.10 0.15 16.61
C VAL A 228 5.09 -0.99 16.59
N LEU A 229 5.32 -1.99 17.41
CA LEU A 229 4.53 -3.22 17.37
C LEU A 229 3.40 -3.19 18.41
N PHE A 230 2.17 -3.22 17.92
CA PHE A 230 0.98 -3.26 18.75
C PHE A 230 0.39 -4.66 18.63
N GLN A 231 -0.26 -5.11 19.70
CA GLN A 231 -0.88 -6.43 19.66
C GLN A 231 -2.02 -6.47 20.66
N ALA A 232 -3.04 -7.27 20.35
CA ALA A 232 -4.22 -7.35 21.22
C ALA A 232 -4.77 -8.75 21.48
N GLY A 233 -4.07 -9.82 21.16
CA GLY A 233 -4.52 -11.15 21.62
C GLY A 233 -4.82 -11.42 23.10
N SER A 234 -6.03 -11.95 23.41
CA SER A 234 -6.45 -12.17 24.79
C SER A 234 -6.45 -13.63 25.19
N SER A 235 -6.25 -14.56 24.25
CA SER A 235 -6.10 -15.95 24.62
C SER A 235 -4.75 -16.19 25.29
N GLU A 236 -4.58 -17.39 25.81
CA GLU A 236 -3.32 -17.74 26.46
C GLU A 236 -2.17 -17.67 25.44
N ARG A 237 -2.39 -18.24 24.27
CA ARG A 237 -1.35 -18.21 23.25
C ARG A 237 -1.14 -16.79 22.74
N GLY A 238 -2.23 -16.04 22.60
CA GLY A 238 -2.14 -14.65 22.16
C GLY A 238 -1.44 -13.77 23.17
N ARG A 239 -1.67 -13.99 24.47
CA ARG A 239 -0.91 -13.25 25.49
C ARG A 239 0.57 -13.61 25.46
N GLN A 240 0.92 -14.88 25.20
CA GLN A 240 2.31 -15.27 25.04
C GLN A 240 2.96 -14.57 23.84
N PHE A 241 2.23 -14.51 22.73
CA PHE A 241 2.76 -13.82 21.57
C PHE A 241 2.97 -12.33 21.85
N GLY A 242 1.96 -11.67 22.44
CA GLY A 242 2.13 -10.27 22.82
C GLY A 242 3.28 -10.04 23.76
N GLY A 243 3.44 -10.90 24.76
CA GLY A 243 4.53 -10.71 25.70
C GLY A 243 5.90 -10.87 25.07
N ARG A 244 5.98 -11.69 24.02
CA ARG A 244 7.24 -11.85 23.30
C ARG A 244 7.54 -10.67 22.37
N HIS A 245 6.55 -10.22 21.58
CA HIS A 245 6.81 -9.29 20.47
C HIS A 245 6.21 -7.91 20.65
N GLY A 246 5.09 -7.80 21.36
CA GLY A 246 4.38 -6.55 21.42
C GLY A 246 5.14 -5.52 22.24
N GLU A 247 5.17 -4.29 21.71
CA GLU A 247 5.64 -3.13 22.47
C GLU A 247 4.52 -2.35 23.13
N CYS A 248 3.35 -2.36 22.50
CA CYS A 248 2.14 -1.79 23.08
C CYS A 248 1.02 -2.81 22.97
N ILE A 249 0.44 -3.21 24.08
CA ILE A 249 -0.65 -4.19 24.10
C ILE A 249 -1.96 -3.44 24.37
N PHE A 250 -2.95 -3.70 23.51
CA PHE A 250 -4.29 -3.09 23.61
C PHE A 250 -5.17 -4.07 24.37
N LEU A 251 -5.91 -3.55 25.34
CA LEU A 251 -6.91 -4.31 26.08
C LEU A 251 -8.30 -3.74 25.83
N GLY A 252 -9.29 -4.61 25.73
CA GLY A 252 -10.66 -4.15 25.69
C GLY A 252 -11.10 -3.65 27.06
N GLY A 253 -12.19 -2.89 27.06
CA GLY A 253 -12.69 -2.35 28.30
C GLY A 253 -13.13 -3.45 29.25
N ALA A 254 -13.03 -3.14 30.54
CA ALA A 254 -13.38 -4.08 31.59
C ALA A 254 -13.29 -3.34 32.90
N PRO A 255 -13.92 -3.86 33.95
CA PRO A 255 -13.79 -3.23 35.26
C PRO A 255 -12.34 -3.23 35.72
N ILE A 256 -12.00 -2.18 36.46
CA ILE A 256 -10.65 -1.90 36.95
C ILE A 256 -9.99 -3.15 37.52
N PRO A 257 -10.59 -3.91 38.44
CA PRO A 257 -9.88 -5.07 38.98
C PRO A 257 -9.56 -6.12 37.93
N LYS A 258 -10.40 -6.24 36.89
CA LYS A 258 -10.12 -7.18 35.83
C LYS A 258 -8.99 -6.69 34.93
N LEU A 259 -8.97 -5.40 34.60
CA LEU A 259 -7.87 -4.86 33.83
C LEU A 259 -6.56 -4.98 34.60
N ALA A 260 -6.60 -4.76 35.91
CA ALA A 260 -5.36 -4.82 36.66
C ALA A 260 -4.74 -6.21 36.58
N GLU A 261 -5.58 -7.25 36.67
CA GLU A 261 -5.06 -8.62 36.58
C GLU A 261 -4.49 -8.89 35.19
N GLN A 262 -5.18 -8.43 34.15
CA GLN A 262 -4.65 -8.64 32.79
C GLN A 262 -3.32 -7.94 32.60
N VAL A 263 -3.24 -6.69 33.06
CA VAL A 263 -1.97 -5.96 32.99
C VAL A 263 -0.87 -6.71 33.72
N ARG A 264 -1.14 -7.14 34.95
CA ARG A 264 -0.15 -7.90 35.73
C ARG A 264 0.33 -9.13 34.96
N ALA A 265 -0.60 -9.88 34.36
CA ALA A 265 -0.24 -11.11 33.68
C ALA A 265 0.60 -10.83 32.43
N ILE A 266 0.28 -9.76 31.70
CA ILE A 266 1.04 -9.39 30.51
C ILE A 266 2.45 -8.95 30.88
N ARG A 267 2.59 -8.14 31.93
CA ARG A 267 3.92 -7.75 32.38
C ARG A 267 4.74 -8.94 32.86
N ALA A 268 4.11 -9.91 33.56
CA ALA A 268 4.85 -11.10 33.99
C ALA A 268 5.29 -11.93 32.80
N GLU A 269 4.46 -11.97 31.75
CA GLU A 269 4.81 -12.67 30.54
C GLU A 269 6.02 -12.03 29.87
N ALA A 270 6.05 -10.70 29.83
CA ALA A 270 7.19 -9.99 29.26
C ALA A 270 8.46 -10.31 30.03
N VAL A 271 8.40 -10.31 31.37
CA VAL A 271 9.56 -10.61 32.20
C VAL A 271 10.07 -12.01 31.88
N ALA A 272 9.15 -12.97 31.69
CA ALA A 272 9.54 -14.34 31.39
C ALA A 272 10.21 -14.47 30.02
N GLU A 273 9.90 -13.56 29.10
CA GLU A 273 10.56 -13.46 27.80
C GLU A 273 11.85 -12.66 27.86
N GLY A 274 12.29 -12.27 29.04
CA GLY A 274 13.54 -11.54 29.16
C GLY A 274 13.43 -10.06 28.95
N ARG A 275 12.22 -9.50 28.96
CA ARG A 275 12.04 -8.07 28.81
C ARG A 275 11.72 -7.43 30.16
N ALA A 276 11.96 -6.13 30.26
CA ALA A 276 11.61 -5.39 31.46
C ALA A 276 10.09 -5.27 31.58
N ALA A 277 9.55 -5.50 32.79
CA ALA A 277 8.10 -5.40 32.99
C ALA A 277 7.54 -4.06 32.52
N ASP A 278 8.32 -2.99 32.69
CA ASP A 278 7.83 -1.65 32.37
C ASP A 278 8.13 -1.24 30.94
N SER A 279 8.86 -2.06 30.17
CA SER A 279 9.19 -1.72 28.79
C SER A 279 8.08 -2.06 27.81
N ILE A 280 7.05 -2.77 28.25
CA ILE A 280 5.85 -3.00 27.45
C ILE A 280 4.80 -2.02 27.95
N LYS A 281 4.08 -1.40 27.02
CA LYS A 281 3.06 -0.40 27.35
C LYS A 281 1.69 -1.03 27.19
N LEU A 282 0.80 -0.74 28.11
CA LEU A 282 -0.55 -1.29 28.12
C LEU A 282 -1.52 -0.16 27.87
N MET A 283 -2.35 -0.30 26.85
CA MET A 283 -3.36 0.72 26.56
C MET A 283 -4.74 0.10 26.57
N ALA A 284 -5.66 0.73 27.28
CA ALA A 284 -7.04 0.27 27.30
C ALA A 284 -7.87 1.02 26.26
N ALA A 285 -8.75 0.27 25.61
CA ALA A 285 -9.81 0.90 24.82
C ALA A 285 -10.76 1.64 25.76
N PHE A 286 -11.14 2.84 25.33
CA PHE A 286 -11.95 3.74 26.15
C PHE A 286 -12.93 4.46 25.26
N SER A 287 -14.20 4.37 25.63
CA SER A 287 -15.27 5.08 24.94
C SER A 287 -15.95 6.02 25.90
N CYS A 288 -16.46 7.13 25.37
CA CYS A 288 -17.18 8.01 26.27
C CYS A 288 -18.22 8.78 25.50
N VAL A 289 -19.19 9.30 26.25
CA VAL A 289 -20.24 10.20 25.79
C VAL A 289 -20.26 11.36 26.78
N ILE A 290 -19.99 12.55 26.26
CA ILE A 290 -19.69 13.73 27.07
C ILE A 290 -20.75 14.78 26.81
N ALA A 291 -21.23 15.41 27.88
CA ALA A 291 -22.13 16.55 27.77
C ALA A 291 -21.89 17.44 28.98
N PRO A 292 -22.43 18.66 29.00
CA PRO A 292 -22.13 19.55 30.12
C PRO A 292 -22.72 19.13 31.45
N THR A 293 -23.88 18.44 31.47
CA THR A 293 -24.39 17.87 32.71
C THR A 293 -24.53 16.37 32.54
N HIS A 294 -24.56 15.68 33.69
CA HIS A 294 -24.64 14.23 33.65
C HIS A 294 -25.91 13.80 32.93
N GLU A 295 -27.03 14.46 33.25
CA GLU A 295 -28.33 14.12 32.70
C GLU A 295 -28.36 14.30 31.19
N GLU A 296 -27.73 15.38 30.69
CA GLU A 296 -27.64 15.57 29.24
C GLU A 296 -26.78 14.48 28.59
N ALA A 297 -25.72 14.01 29.25
CA ALA A 297 -24.92 12.95 28.67
C ALA A 297 -25.72 11.65 28.56
N VAL A 298 -26.49 11.32 29.60
CA VAL A 298 -27.36 10.14 29.57
C VAL A 298 -28.31 10.19 28.38
N GLN A 299 -28.94 11.33 28.16
CA GLN A 299 -29.86 11.52 27.04
C GLN A 299 -29.13 11.47 25.69
N LYS A 300 -27.97 12.11 25.58
CA LYS A 300 -27.15 11.96 24.39
C LYS A 300 -26.88 10.50 24.06
N TYR A 301 -26.56 9.69 25.06
CA TYR A 301 -26.28 8.29 24.79
C TYR A 301 -27.54 7.56 24.33
N GLN A 302 -28.68 7.89 24.92
CA GLN A 302 -29.94 7.31 24.47
C GLN A 302 -30.20 7.64 23.01
N GLU A 303 -29.89 8.86 22.59
CA GLU A 303 -30.11 9.22 21.18
C GLU A 303 -29.15 8.47 20.25
N VAL A 304 -27.93 8.15 20.68
CA VAL A 304 -27.07 7.29 19.87
C VAL A 304 -27.70 5.89 19.71
N LEU A 305 -28.08 5.28 20.83
CA LEU A 305 -28.66 3.94 20.77
C LEU A 305 -29.94 3.90 19.95
N ASP A 306 -30.78 4.93 20.08
CA ASP A 306 -32.01 4.98 19.26
C ASP A 306 -31.75 5.15 17.77
N SER A 307 -30.52 5.50 17.34
CA SER A 307 -30.30 5.69 15.91
C SER A 307 -30.09 4.37 15.20
N GLN A 308 -29.80 3.31 15.96
CA GLN A 308 -29.53 2.00 15.40
C GLN A 308 -30.85 1.26 15.18
N THR A 309 -31.04 0.77 13.98
CA THR A 309 -32.19 -0.04 13.63
C THR A 309 -32.37 -1.21 14.61
N PRO A 310 -33.60 -1.45 15.13
CA PRO A 310 -33.77 -2.49 16.17
C PRO A 310 -33.41 -3.90 15.70
N GLU A 311 -33.56 -4.19 14.43
CA GLU A 311 -33.28 -5.51 13.88
C GLU A 311 -31.79 -5.82 13.75
N VAL A 312 -30.90 -4.86 13.96
CA VAL A 312 -29.47 -5.11 13.77
C VAL A 312 -28.93 -6.07 14.84
N ALA A 313 -29.25 -5.82 16.12
CA ALA A 313 -28.59 -6.53 17.20
C ALA A 313 -28.69 -8.04 17.01
N VAL A 314 -29.89 -8.55 16.75
CA VAL A 314 -30.01 -10.01 16.71
C VAL A 314 -29.25 -10.58 15.52
N ALA A 315 -29.18 -9.84 14.39
CA ALA A 315 -28.42 -10.30 13.23
C ALA A 315 -26.91 -10.24 13.47
N SER A 316 -26.39 -9.13 14.04
CA SER A 316 -24.94 -9.08 14.26
C SER A 316 -24.50 -9.97 15.42
N TYR A 317 -25.38 -10.21 16.40
CA TYR A 317 -25.04 -11.18 17.45
C TYR A 317 -24.81 -12.56 16.84
N ALA A 318 -25.64 -12.93 15.87
CA ALA A 318 -25.48 -14.22 15.19
C ALA A 318 -24.19 -14.27 14.37
N TRP A 319 -23.82 -13.15 13.75
CA TRP A 319 -22.56 -13.08 13.04
C TRP A 319 -21.38 -13.29 13.98
N PHE A 320 -21.35 -12.60 15.11
CA PHE A 320 -20.19 -12.65 16.00
C PHE A 320 -20.13 -13.93 16.83
N THR A 321 -21.26 -14.51 17.17
CA THR A 321 -21.26 -15.67 18.07
C THR A 321 -21.71 -16.96 17.42
N GLY A 322 -22.35 -16.90 16.26
CA GLY A 322 -23.04 -18.06 15.71
C GLY A 322 -24.40 -18.36 16.32
N LEU A 323 -24.81 -17.68 17.38
CA LEU A 323 -26.09 -17.94 18.05
C LEU A 323 -27.18 -17.04 17.46
N ASP A 324 -28.22 -17.67 16.93
CA ASP A 324 -29.40 -16.98 16.40
C ASP A 324 -30.49 -16.99 17.47
N LEU A 325 -30.71 -15.84 18.10
CA LEU A 325 -31.67 -15.70 19.17
C LEU A 325 -33.00 -15.12 18.69
N SER A 326 -33.20 -15.02 17.38
CA SER A 326 -34.34 -14.28 16.84
C SER A 326 -35.67 -14.96 17.12
N SER A 327 -35.70 -16.27 17.35
CA SER A 327 -36.97 -16.94 17.52
C SER A 327 -37.45 -16.97 18.97
N TYR A 328 -36.69 -16.43 19.92
CA TYR A 328 -37.00 -16.63 21.33
C TYR A 328 -37.68 -15.41 21.95
N ASP A 329 -38.68 -15.67 22.77
CA ASP A 329 -39.20 -14.63 23.63
C ASP A 329 -38.06 -14.03 24.45
N PRO A 330 -37.96 -12.71 24.56
CA PRO A 330 -36.84 -12.11 25.31
C PRO A 330 -36.77 -12.50 26.78
N SER A 331 -37.86 -12.95 27.38
CA SER A 331 -37.77 -13.39 28.76
C SER A 331 -37.13 -14.78 28.89
N THR A 332 -36.77 -15.41 27.79
CA THR A 332 -36.19 -16.76 27.82
C THR A 332 -34.85 -16.77 28.54
N PRO A 333 -34.68 -17.52 29.62
CA PRO A 333 -33.34 -17.65 30.22
C PRO A 333 -32.37 -18.30 29.25
N MET A 334 -31.15 -17.75 29.21
CA MET A 334 -30.14 -18.36 28.36
C MET A 334 -29.87 -19.81 28.78
N SER A 335 -30.03 -20.12 30.08
CA SER A 335 -29.79 -21.49 30.54
C SER A 335 -30.63 -22.52 29.78
N GLU A 336 -31.78 -22.10 29.24
CA GLU A 336 -32.67 -23.00 28.50
C GLU A 336 -32.15 -23.31 27.10
N LEU A 337 -31.13 -22.59 26.62
CA LEU A 337 -30.55 -22.83 25.32
C LEU A 337 -29.25 -23.61 25.41
N HIS A 338 -29.06 -24.37 26.49
CA HIS A 338 -27.76 -24.95 26.75
C HIS A 338 -27.31 -25.90 25.64
N THR A 339 -28.25 -26.53 24.93
CA THR A 339 -27.80 -27.44 23.89
C THR A 339 -27.07 -26.72 22.78
N GLU A 340 -27.24 -25.39 22.67
CA GLU A 340 -26.55 -24.59 21.66
C GLU A 340 -25.36 -23.82 22.25
N LEU A 341 -24.96 -24.15 23.48
CA LEU A 341 -23.94 -23.41 24.20
C LEU A 341 -22.89 -24.38 24.73
N SER A 342 -21.64 -23.92 24.72
CA SER A 342 -20.57 -24.60 25.45
C SER A 342 -20.77 -24.38 26.94
N GLN A 343 -20.09 -25.23 27.72
CA GLN A 343 -20.16 -25.13 29.18
C GLN A 343 -19.76 -23.74 29.65
N THR A 344 -18.67 -23.19 29.10
CA THR A 344 -18.20 -21.85 29.44
C THR A 344 -19.25 -20.79 29.16
N GLN A 345 -19.93 -20.88 28.03
CA GLN A 345 -20.97 -19.91 27.70
C GLN A 345 -22.15 -20.02 28.65
N VAL A 346 -22.58 -21.24 29.01
CA VAL A 346 -23.67 -21.36 29.95
C VAL A 346 -23.31 -20.68 31.27
N ALA A 347 -22.07 -20.91 31.75
CA ALA A 347 -21.64 -20.29 33.00
C ALA A 347 -21.59 -18.77 32.88
N ARG A 348 -21.11 -18.27 31.75
CA ARG A 348 -21.03 -16.82 31.57
C ARG A 348 -22.40 -16.17 31.47
N PHE A 349 -23.38 -16.87 30.90
CA PHE A 349 -24.72 -16.32 30.79
C PHE A 349 -25.58 -16.47 32.05
N ALA A 350 -25.10 -17.10 33.11
CA ALA A 350 -26.00 -17.53 34.18
C ALA A 350 -26.87 -16.38 34.68
N GLY A 351 -28.17 -16.65 34.78
CA GLY A 351 -29.14 -15.68 35.23
C GLY A 351 -29.65 -14.78 34.13
N LEU A 352 -28.93 -14.69 33.03
CA LEU A 352 -29.31 -13.76 31.96
C LEU A 352 -30.34 -14.38 31.04
N THR A 353 -31.18 -13.51 30.49
CA THR A 353 -32.15 -13.87 29.47
C THR A 353 -31.68 -13.45 28.09
N VAL A 354 -32.37 -13.98 27.10
CA VAL A 354 -32.14 -13.55 25.72
C VAL A 354 -32.25 -12.04 25.60
N GLY A 355 -33.26 -11.45 26.25
CA GLY A 355 -33.44 -10.01 26.19
C GLY A 355 -32.32 -9.21 26.83
N ASP A 356 -31.80 -9.65 27.98
CA ASP A 356 -30.57 -9.07 28.54
C ASP A 356 -29.43 -9.09 27.51
N VAL A 357 -29.20 -10.26 26.94
CA VAL A 357 -28.07 -10.43 26.02
C VAL A 357 -28.22 -9.48 24.84
N LEU A 358 -29.40 -9.42 24.23
CA LEU A 358 -29.55 -8.57 23.06
C LEU A 358 -29.58 -7.09 23.41
N ALA A 359 -30.11 -6.73 24.57
CA ALA A 359 -30.06 -5.34 25.01
C ALA A 359 -28.62 -4.86 25.20
N ASP A 360 -27.80 -5.68 25.85
CA ASP A 360 -26.39 -5.34 26.01
C ASP A 360 -25.69 -5.25 24.66
N TRP A 361 -25.97 -6.19 23.76
CA TRP A 361 -25.35 -6.20 22.45
C TRP A 361 -25.75 -4.97 21.64
N HIS A 362 -27.02 -4.60 21.72
CA HIS A 362 -27.50 -3.41 21.03
C HIS A 362 -26.73 -2.16 21.49
N ALA A 363 -26.41 -2.08 22.77
CA ALA A 363 -25.81 -0.85 23.28
C ALA A 363 -24.36 -0.69 22.82
N HIS A 364 -23.60 -1.76 22.61
CA HIS A 364 -22.18 -1.56 22.30
C HIS A 364 -21.47 -2.67 21.53
N GLY A 365 -22.17 -3.73 21.15
CA GLY A 365 -21.51 -4.82 20.41
C GLY A 365 -20.29 -5.30 21.17
N VAL A 366 -19.15 -5.43 20.49
CA VAL A 366 -17.89 -5.77 21.18
C VAL A 366 -17.09 -4.52 21.54
N ARG A 367 -17.66 -3.35 21.31
CA ARG A 367 -16.96 -2.13 21.70
C ARG A 367 -17.01 -2.02 23.22
N THR A 368 -16.01 -1.33 23.79
CA THR A 368 -16.00 -1.06 25.21
C THR A 368 -17.23 -0.24 25.60
N LYS A 369 -17.76 -0.48 26.76
CA LYS A 369 -18.91 0.31 27.22
C LYS A 369 -18.45 1.72 27.53
N PRO A 370 -19.18 2.75 27.10
CA PRO A 370 -18.77 4.12 27.35
C PRO A 370 -18.96 4.55 28.80
N VAL A 371 -18.03 5.39 29.24
CA VAL A 371 -18.24 6.27 30.39
C VAL A 371 -19.09 7.45 29.91
N VAL A 372 -20.22 7.65 30.56
CA VAL A 372 -21.23 8.65 30.17
C VAL A 372 -21.32 9.68 31.28
N GLY A 373 -21.01 10.93 30.97
CA GLY A 373 -21.15 11.98 31.96
C GLY A 373 -20.53 13.28 31.50
N THR A 374 -20.16 14.08 32.49
CA THR A 374 -19.56 15.37 32.26
C THR A 374 -18.08 15.21 31.96
N PRO A 375 -17.45 16.24 31.42
CA PRO A 375 -16.00 16.16 31.17
C PRO A 375 -15.22 15.82 32.42
N GLU A 376 -15.60 16.39 33.56
CA GLU A 376 -14.91 16.09 34.81
C GLU A 376 -15.07 14.63 35.17
N GLU A 377 -16.28 14.10 35.02
CA GLU A 377 -16.48 12.67 35.31
C GLU A 377 -15.70 11.78 34.37
N VAL A 378 -15.60 12.14 33.10
CA VAL A 378 -14.85 11.29 32.20
C VAL A 378 -13.36 11.38 32.51
N ALA A 379 -12.88 12.59 32.83
CA ALA A 379 -11.48 12.74 33.17
C ALA A 379 -11.15 11.96 34.42
N ASP A 380 -12.06 11.98 35.41
CA ASP A 380 -11.82 11.20 36.63
C ASP A 380 -11.77 9.71 36.33
N ALA A 381 -12.68 9.22 35.48
CA ALA A 381 -12.66 7.81 35.11
C ALA A 381 -11.36 7.40 34.45
N ILE A 382 -10.80 8.25 33.58
CA ILE A 382 -9.52 7.96 32.94
C ILE A 382 -8.42 7.82 33.98
N VAL A 383 -8.33 8.77 34.90
CA VAL A 383 -7.29 8.73 35.92
C VAL A 383 -7.45 7.50 36.80
N GLU A 384 -8.70 7.19 37.18
CA GLU A 384 -8.93 6.04 38.06
C GLU A 384 -8.52 4.75 37.38
N LEU A 385 -8.90 4.60 36.11
CA LEU A 385 -8.48 3.42 35.35
C LEU A 385 -6.97 3.31 35.28
N ALA A 386 -6.29 4.41 34.97
CA ALA A 386 -4.85 4.34 34.75
C ALA A 386 -4.12 4.01 36.03
N GLU A 387 -4.58 4.55 37.16
CA GLU A 387 -3.91 4.28 38.41
C GLU A 387 -4.26 2.89 38.94
N GLY A 388 -5.53 2.50 38.79
CA GLY A 388 -6.00 1.25 39.35
C GLY A 388 -5.56 0.03 38.57
N ALA A 389 -5.33 0.16 37.27
CA ALA A 389 -4.90 -0.97 36.46
C ALA A 389 -3.45 -0.87 35.98
N ASP A 390 -2.74 0.22 36.30
CA ASP A 390 -1.34 0.37 35.89
C ASP A 390 -1.23 0.50 34.38
N LEU A 391 -2.10 1.31 33.79
CA LEU A 391 -2.12 1.47 32.35
C LEU A 391 -1.19 2.61 31.93
N ASP A 392 -0.74 2.55 30.68
CA ASP A 392 0.14 3.57 30.14
C ASP A 392 -0.55 4.48 29.14
N GLY A 393 -1.76 4.14 28.73
CA GLY A 393 -2.52 5.03 27.87
C GLY A 393 -3.87 4.45 27.51
N PHE A 394 -4.54 5.12 26.58
CA PHE A 394 -5.90 4.79 26.22
C PHE A 394 -6.08 4.92 24.72
N LEU A 395 -6.83 3.97 24.19
CA LEU A 395 -7.24 3.97 22.78
C LEU A 395 -8.69 4.47 22.72
N LEU A 396 -8.88 5.72 22.28
CA LEU A 396 -10.22 6.31 22.26
C LEU A 396 -11.04 5.66 21.15
N THR A 397 -12.12 5.00 21.51
CA THR A 397 -13.00 4.37 20.54
C THR A 397 -14.28 5.18 20.44
N PRO A 398 -14.50 5.87 19.33
CA PRO A 398 -15.65 6.77 19.20
C PRO A 398 -16.95 6.04 19.00
N VAL A 399 -18.02 6.62 19.51
CA VAL A 399 -19.34 6.05 19.23
C VAL A 399 -19.92 6.64 17.96
N ILE A 400 -19.68 7.94 17.72
CA ILE A 400 -19.93 8.56 16.42
C ILE A 400 -18.74 9.46 16.08
N GLN A 401 -18.48 9.61 14.79
CA GLN A 401 -17.37 10.44 14.31
C GLN A 401 -17.88 11.60 13.45
N PRO A 402 -17.19 12.75 13.51
CA PRO A 402 -15.98 13.02 14.31
C PRO A 402 -16.36 13.48 15.74
N GLY A 403 -17.66 13.55 16.00
CA GLY A 403 -18.17 14.11 17.27
C GLY A 403 -17.53 13.54 18.53
N SER A 404 -17.44 12.21 18.62
CA SER A 404 -16.90 11.59 19.83
C SER A 404 -15.45 12.03 20.08
N THR A 405 -14.67 12.12 19.01
CA THR A 405 -13.27 12.55 19.11
C THR A 405 -13.17 14.02 19.45
N ILE A 406 -13.99 14.85 18.81
CA ILE A 406 -13.94 16.28 19.08
C ILE A 406 -14.35 16.56 20.51
N ASP A 407 -15.37 15.87 21.00
CA ASP A 407 -15.80 16.11 22.37
C ASP A 407 -14.67 15.84 23.35
N PHE A 408 -13.99 14.71 23.17
CA PHE A 408 -12.91 14.34 24.06
C PHE A 408 -11.78 15.37 24.01
N ILE A 409 -11.37 15.74 22.79
CA ILE A 409 -10.30 16.72 22.60
C ILE A 409 -10.65 18.06 23.22
N GLU A 410 -11.87 18.52 23.01
CA GLU A 410 -12.20 19.87 23.43
C GLU A 410 -12.46 19.97 24.93
N HIS A 411 -12.93 18.91 25.56
CA HIS A 411 -13.45 19.04 26.92
C HIS A 411 -12.72 18.20 27.96
N VAL A 412 -12.28 17.01 27.60
CA VAL A 412 -11.61 16.13 28.55
C VAL A 412 -10.11 16.31 28.48
N LEU A 413 -9.55 16.34 27.28
CA LEU A 413 -8.10 16.42 27.16
C LEU A 413 -7.54 17.65 27.85
N PRO A 414 -8.20 18.81 27.84
CA PRO A 414 -7.64 19.95 28.58
C PRO A 414 -7.58 19.72 30.09
N ILE A 415 -8.55 19.00 30.66
CA ILE A 415 -8.51 18.71 32.10
C ILE A 415 -7.30 17.82 32.41
N LEU A 416 -7.15 16.75 31.63
CA LEU A 416 -6.04 15.82 31.79
C LEU A 416 -4.70 16.53 31.69
N ARG A 417 -4.59 17.50 30.77
CA ARG A 417 -3.37 18.28 30.66
C ARG A 417 -3.17 19.19 31.87
N GLU A 418 -4.25 19.80 32.37
CA GLU A 418 -4.14 20.63 33.57
C GLU A 418 -3.67 19.83 34.76
N ARG A 419 -4.15 18.60 34.90
CA ARG A 419 -3.72 17.74 36.00
C ARG A 419 -2.34 17.14 35.77
N GLY A 420 -1.74 17.35 34.60
CA GLY A 420 -0.40 16.88 34.35
C GLY A 420 -0.28 15.40 34.07
N VAL A 421 -1.38 14.75 33.66
CA VAL A 421 -1.35 13.33 33.33
C VAL A 421 -1.32 13.10 31.83
N ALA A 422 -1.40 14.14 31.04
CA ALA A 422 -1.26 14.04 29.61
C ALA A 422 -0.32 15.15 29.17
N ALA A 423 0.54 14.81 28.21
CA ALA A 423 1.56 15.72 27.72
C ALA A 423 0.94 16.88 26.97
N SER A 424 1.63 18.02 26.99
CA SER A 424 1.10 19.22 26.33
C SER A 424 1.00 19.04 24.82
N GLY A 425 1.95 18.30 24.22
CA GLY A 425 1.99 18.16 22.77
C GLY A 425 2.99 17.14 22.28
N TYR A 426 3.68 17.44 21.17
CA TYR A 426 4.62 16.53 20.50
C TYR A 426 6.05 16.92 20.82
N ASP A 427 6.69 16.25 21.78
CA ASP A 427 8.11 16.45 21.96
C ASP A 427 8.88 15.15 21.77
N ALA A 428 8.69 14.52 20.61
CA ALA A 428 9.44 13.36 20.17
C ALA A 428 9.06 13.13 18.71
N PRO A 429 10.02 13.02 17.80
CA PRO A 429 9.68 12.89 16.38
C PRO A 429 9.16 11.54 15.95
N THR A 430 9.66 10.42 16.51
CA THR A 430 9.19 9.11 16.07
C THR A 430 8.11 8.60 17.02
N LEU A 431 7.32 7.65 16.52
CA LEU A 431 6.26 7.06 17.32
C LEU A 431 6.84 6.24 18.46
N ARG A 432 7.92 5.50 18.20
CA ARG A 432 8.51 4.70 19.27
C ARG A 432 9.01 5.57 20.42
N GLU A 433 9.71 6.65 20.10
CA GLU A 433 10.18 7.55 21.16
C GLU A 433 9.01 8.09 21.96
N ARG A 434 7.96 8.53 21.27
CA ARG A 434 6.81 9.11 21.93
C ARG A 434 6.11 8.09 22.81
N LEU A 435 5.90 6.90 22.28
CA LEU A 435 5.10 5.95 23.05
C LEU A 435 5.91 5.29 24.14
N LEU A 436 7.14 4.86 23.85
CA LEU A 436 7.97 4.24 24.88
C LEU A 436 8.61 5.23 25.84
N GLY A 437 8.61 6.52 25.55
CA GLY A 437 9.15 7.46 26.50
C GLY A 437 10.67 7.38 26.55
N THR A 438 11.29 7.25 25.39
CA THR A 438 12.71 6.99 25.26
C THR A 438 13.27 7.94 24.22
N GLU A 439 14.57 8.19 24.29
CA GLU A 439 15.24 8.99 23.28
C GLU A 439 15.69 8.15 22.09
N THR A 440 15.43 6.84 22.09
CA THR A 440 15.91 5.93 21.06
C THR A 440 14.78 5.52 20.13
N PRO A 441 14.93 5.66 18.80
CA PRO A 441 13.82 5.34 17.92
C PRO A 441 13.71 3.89 17.52
N VAL A 442 14.68 3.05 17.88
CA VAL A 442 14.75 1.68 17.40
C VAL A 442 14.44 0.71 18.56
N LEU A 443 14.11 -0.53 18.22
CA LEU A 443 13.79 -1.54 19.22
C LEU A 443 14.87 -1.62 20.29
N ARG A 444 14.41 -1.86 21.51
CA ARG A 444 15.31 -2.14 22.61
C ARG A 444 16.08 -3.43 22.37
N GLU A 445 17.25 -3.53 22.99
CA GLU A 445 18.08 -4.73 22.83
C GLU A 445 17.41 -5.97 23.43
N ASP A 446 16.54 -5.81 24.43
CA ASP A 446 15.88 -7.00 25.00
C ASP A 446 14.64 -7.40 24.20
N HIS A 447 14.38 -6.74 23.11
CA HIS A 447 13.29 -7.15 22.22
C HIS A 447 13.82 -8.17 21.19
N PRO A 448 13.03 -9.23 20.89
CA PRO A 448 13.44 -10.21 19.88
C PRO A 448 13.96 -9.67 18.56
N GLY A 449 13.37 -8.60 18.03
CA GLY A 449 13.78 -8.12 16.72
C GLY A 449 15.21 -7.62 16.71
N ALA A 450 15.69 -7.15 17.84
CA ALA A 450 17.03 -6.58 17.92
C ALA A 450 18.12 -7.62 17.75
N GLY A 451 17.82 -8.89 18.02
CA GLY A 451 18.81 -9.93 17.88
C GLY A 451 19.22 -10.19 16.46
N TYR A 452 18.45 -9.66 15.50
CA TYR A 452 18.72 -9.88 14.08
C TYR A 452 19.58 -8.77 13.50
N ARG A 453 19.92 -7.77 14.31
CA ARG A 453 20.84 -6.73 13.85
C ARG A 453 22.22 -7.28 13.53
N ALA A 454 22.68 -7.00 12.31
CA ALA A 454 24.04 -7.33 11.95
C ALA A 454 25.03 -6.54 12.79
N GLN A 455 24.65 -5.34 13.22
CA GLN A 455 25.50 -4.57 14.12
C GLN A 455 25.79 -5.36 15.38
N SER A 456 26.96 -6.00 15.42
CA SER A 456 27.41 -6.80 16.54
C SER A 456 26.45 -7.98 16.79
N GLY A 457 26.50 -8.93 15.85
CA GLY A 457 25.78 -10.18 16.00
C GLY A 457 24.87 -10.60 14.86
N ALA A 458 25.44 -11.23 13.83
CA ALA A 458 24.67 -11.88 12.78
C ALA A 458 25.35 -13.15 12.26
N MET B 8 -5.98 17.36 -35.79
CA MET B 8 -4.72 16.86 -35.22
C MET B 8 -4.99 15.98 -34.01
N LYS B 9 -4.30 14.83 -33.96
CA LYS B 9 -4.33 13.99 -32.78
C LYS B 9 -3.57 14.66 -31.65
N GLN B 10 -4.20 14.78 -30.49
CA GLN B 10 -3.58 15.40 -29.32
C GLN B 10 -2.90 14.34 -28.47
N LEU B 11 -1.58 14.47 -28.36
CA LEU B 11 -0.73 13.55 -27.64
C LEU B 11 -0.89 13.72 -26.15
N ARG B 12 -0.82 12.60 -25.43
CA ARG B 12 -0.78 12.58 -23.99
C ARG B 12 0.66 12.37 -23.55
N PHE B 13 0.98 12.85 -22.35
CA PHE B 13 2.34 12.77 -21.83
C PHE B 13 2.33 12.28 -20.41
N GLY B 14 3.21 11.32 -20.13
CA GLY B 14 3.40 10.84 -18.80
C GLY B 14 4.88 10.93 -18.46
N LEU B 15 5.16 10.92 -17.18
CA LEU B 15 6.53 10.97 -16.68
C LEU B 15 6.88 9.60 -16.10
N PHE B 16 7.99 9.03 -16.57
CA PHE B 16 8.52 7.76 -16.07
C PHE B 16 9.37 8.02 -14.85
N GLU B 17 9.00 7.39 -13.73
CA GLU B 17 9.75 7.56 -12.50
C GLU B 17 9.89 6.19 -11.82
N ASN B 18 10.79 6.11 -10.87
CA ASN B 18 10.77 4.92 -10.03
C ASN B 18 11.28 5.29 -8.67
N ALA B 19 10.78 4.58 -7.68
CA ALA B 19 11.14 4.84 -6.30
C ALA B 19 12.47 4.19 -5.95
N GLN B 20 13.51 4.63 -6.65
CA GLN B 20 14.90 4.32 -6.35
C GLN B 20 15.77 5.34 -7.07
N THR B 21 17.06 5.32 -6.76
CA THR B 21 17.94 6.38 -7.24
C THR B 21 18.29 6.20 -8.72
N ASN B 22 18.69 5.01 -9.11
CA ASN B 22 19.16 4.77 -10.47
C ASN B 22 18.28 3.72 -11.15
N ASP B 23 18.33 3.69 -12.48
CA ASP B 23 17.44 2.84 -13.24
C ASP B 23 18.12 2.46 -14.56
N SER B 24 17.61 1.39 -15.18
CA SER B 24 17.87 1.06 -16.58
C SER B 24 19.33 0.71 -16.87
N GLY B 25 20.11 0.40 -15.85
CA GLY B 25 21.51 0.05 -16.05
C GLY B 25 22.45 1.24 -16.12
N THR B 26 21.96 2.44 -15.91
CA THR B 26 22.78 3.64 -15.80
C THR B 26 22.83 4.08 -14.33
N ALA B 27 23.68 5.07 -14.07
CA ALA B 27 23.91 5.56 -12.72
C ALA B 27 24.44 6.98 -12.80
N THR B 28 23.56 7.94 -13.07
CA THR B 28 23.92 9.35 -13.16
C THR B 28 23.66 10.09 -11.85
N TRP B 29 23.46 9.35 -10.77
CA TRP B 29 23.12 9.93 -9.47
C TRP B 29 24.18 10.91 -8.97
N ARG B 30 25.42 10.80 -9.45
CA ARG B 30 26.48 11.68 -8.95
C ARG B 30 26.44 13.05 -9.58
N HIS B 31 25.69 13.23 -10.65
CA HIS B 31 25.57 14.55 -11.24
C HIS B 31 25.14 15.56 -10.18
N PRO B 32 25.73 16.77 -10.15
CA PRO B 32 25.43 17.71 -9.06
C PRO B 32 23.99 18.14 -8.98
N ASP B 33 23.30 18.23 -10.11
CA ASP B 33 21.90 18.64 -10.11
C ASP B 33 20.92 17.49 -9.96
N ASN B 34 21.40 16.26 -9.90
CA ASN B 34 20.48 15.13 -9.78
C ASN B 34 20.01 14.99 -8.33
N GLN B 35 18.69 14.87 -8.15
CA GLN B 35 18.09 14.76 -6.82
C GLN B 35 17.51 13.37 -6.57
N ARG B 36 17.71 12.43 -7.49
CA ARG B 36 17.13 11.10 -7.38
C ARG B 36 17.60 10.36 -6.13
N HIS B 37 18.72 10.75 -5.54
CA HIS B 37 19.17 10.09 -4.32
C HIS B 37 18.27 10.41 -3.14
N LEU B 38 17.29 11.31 -3.31
CA LEU B 38 16.34 11.66 -2.26
C LEU B 38 15.02 10.96 -2.48
N PHE B 39 15.02 9.86 -3.24
CA PHE B 39 13.79 9.18 -3.62
C PHE B 39 13.03 8.67 -2.41
N ASP B 40 13.70 8.55 -1.27
CA ASP B 40 13.04 7.94 -0.12
C ASP B 40 12.50 8.99 0.84
N THR B 41 12.40 10.24 0.38
CA THR B 41 11.78 11.30 1.13
C THR B 41 10.50 11.73 0.44
N LEU B 42 9.55 12.16 1.26
CA LEU B 42 8.28 12.57 0.70
C LEU B 42 8.42 13.89 -0.07
N ASP B 43 9.35 14.74 0.36
CA ASP B 43 9.52 16.03 -0.32
C ASP B 43 9.94 15.86 -1.77
N TYR B 44 10.80 14.88 -2.06
CA TYR B 44 11.14 14.58 -3.45
C TYR B 44 9.89 14.34 -4.28
N TRP B 45 8.99 13.48 -3.78
CA TRP B 45 7.81 13.09 -4.54
C TRP B 45 6.79 14.21 -4.62
N ARG B 46 6.62 14.96 -3.53
CA ARG B 46 5.72 16.10 -3.57
C ARG B 46 6.17 17.10 -4.63
N ASN B 47 7.48 17.34 -4.72
CA ASN B 47 7.98 18.29 -5.71
C ASN B 47 7.77 17.77 -7.13
N ILE B 48 8.10 16.50 -7.38
CA ILE B 48 7.91 15.94 -8.71
C ILE B 48 6.45 16.04 -9.12
N ALA B 49 5.55 15.70 -8.22
CA ALA B 49 4.12 15.69 -8.53
C ALA B 49 3.60 17.08 -8.82
N GLN B 50 4.02 18.07 -8.01
CA GLN B 50 3.61 19.43 -8.24
C GLN B 50 4.08 19.92 -9.61
N ILE B 51 5.31 19.59 -9.96
CA ILE B 51 5.84 20.00 -11.26
C ILE B 51 4.97 19.44 -12.39
N CYS B 52 4.62 18.16 -12.26
CA CYS B 52 3.85 17.47 -13.29
C CYS B 52 2.43 18.00 -13.32
N GLU B 53 1.82 18.20 -12.15
CA GLU B 53 0.43 18.63 -12.14
C GLU B 53 0.30 20.06 -12.62
N ASP B 54 1.22 20.96 -12.23
CA ASP B 54 1.14 22.35 -12.68
C ASP B 54 1.34 22.47 -14.18
N ALA B 55 2.10 21.56 -14.78
CA ALA B 55 2.28 21.53 -16.22
C ALA B 55 1.15 20.83 -16.94
N GLY B 56 0.24 20.16 -16.23
CA GLY B 56 -0.82 19.46 -16.92
C GLY B 56 -0.41 18.14 -17.52
N LEU B 57 0.66 17.53 -17.03
CA LEU B 57 1.00 16.19 -17.50
C LEU B 57 -0.08 15.21 -17.10
N ASP B 58 -0.36 14.26 -17.96
CA ASP B 58 -1.47 13.35 -17.70
C ASP B 58 -1.23 12.44 -16.50
N PHE B 59 -0.01 11.97 -16.31
CA PHE B 59 0.24 11.05 -15.21
C PHE B 59 1.72 10.97 -14.91
N VAL B 60 2.01 10.53 -13.69
CA VAL B 60 3.33 10.02 -13.30
C VAL B 60 3.22 8.50 -13.22
N PHE B 61 4.24 7.82 -13.74
CA PHE B 61 4.30 6.37 -13.78
C PHE B 61 5.45 5.89 -12.89
N LEU B 62 5.12 5.04 -11.93
CA LEU B 62 6.13 4.47 -11.03
C LEU B 62 6.41 3.05 -11.46
N ALA B 63 7.59 2.84 -12.03
CA ALA B 63 8.11 1.52 -12.33
C ALA B 63 8.39 0.77 -11.04
N ASP B 64 8.55 -0.55 -11.14
CA ASP B 64 8.84 -1.32 -9.96
C ASP B 64 9.62 -2.57 -10.35
N ALA B 65 10.32 -3.09 -9.37
CA ALA B 65 10.95 -4.40 -9.48
C ALA B 65 11.03 -4.94 -8.06
N TRP B 66 11.08 -6.26 -7.96
CA TRP B 66 11.22 -6.95 -6.69
C TRP B 66 12.60 -7.55 -6.53
N GLY B 67 13.18 -8.06 -7.62
CA GLY B 67 14.54 -8.58 -7.63
C GLY B 67 15.62 -7.53 -7.70
N TRP B 68 16.82 -8.00 -8.05
CA TRP B 68 18.02 -7.18 -8.03
C TRP B 68 19.03 -7.78 -8.98
N ALA B 69 20.08 -7.00 -9.26
CA ALA B 69 21.18 -7.44 -10.11
C ALA B 69 22.13 -8.30 -9.29
N ASP B 70 22.47 -9.47 -9.79
CA ASP B 70 23.33 -10.37 -9.03
C ASP B 70 24.14 -11.22 -10.00
N VAL B 71 25.23 -11.77 -9.48
CA VAL B 71 26.06 -12.74 -10.19
C VAL B 71 26.13 -13.96 -9.27
N ASN B 72 25.29 -14.96 -9.57
CA ASN B 72 25.33 -16.24 -8.86
C ASN B 72 25.04 -16.07 -7.37
N GLY B 73 23.92 -15.42 -7.08
CA GLY B 73 23.47 -15.26 -5.72
C GLY B 73 24.10 -14.13 -4.94
N GLU B 74 24.97 -13.34 -5.56
CA GLU B 74 25.65 -12.26 -4.85
C GLU B 74 25.66 -11.01 -5.71
N ARG B 75 25.40 -9.87 -5.07
CA ARG B 75 25.59 -8.57 -5.70
C ARG B 75 27.04 -8.15 -5.59
N PRO B 76 27.70 -7.77 -6.68
CA PRO B 76 29.06 -7.22 -6.57
C PRO B 76 29.04 -5.91 -5.80
N ASP B 77 30.20 -5.54 -5.27
CA ASP B 77 30.33 -4.28 -4.53
C ASP B 77 29.74 -3.11 -5.31
N ILE B 78 30.02 -3.05 -6.62
CA ILE B 78 29.63 -1.91 -7.45
C ILE B 78 28.14 -1.62 -7.32
N CYS B 79 27.32 -2.65 -7.08
CA CYS B 79 25.87 -2.43 -6.97
C CYS B 79 25.55 -1.46 -5.85
N ASP B 80 26.27 -1.54 -4.74
CA ASP B 80 26.08 -0.66 -3.58
C ASP B 80 26.90 0.62 -3.68
N VAL B 81 28.15 0.54 -4.14
CA VAL B 81 28.96 1.75 -4.28
C VAL B 81 28.29 2.74 -5.24
N GLU B 82 27.55 2.26 -6.24
CA GLU B 82 26.87 3.10 -7.22
C GLU B 82 25.35 2.98 -7.19
N GLY B 83 24.77 2.25 -6.23
CA GLY B 83 23.33 2.20 -6.12
C GLY B 83 22.62 1.76 -7.40
N LEU B 84 23.09 0.69 -8.04
CA LEU B 84 22.57 0.32 -9.35
C LEU B 84 21.10 -0.09 -9.31
N ASP B 85 20.67 -0.73 -8.23
CA ASP B 85 19.37 -1.41 -8.15
C ASP B 85 18.65 -1.04 -6.86
N LEU B 86 19.20 -1.47 -5.74
CA LEU B 86 18.61 -1.30 -4.42
C LEU B 86 19.24 -0.07 -3.75
N PRO B 87 18.57 0.51 -2.73
CA PRO B 87 17.23 0.20 -2.22
C PRO B 87 16.12 0.90 -2.98
N ARG B 88 14.89 0.51 -2.69
CA ARG B 88 13.73 1.11 -3.35
C ARG B 88 12.58 1.18 -2.36
N LEU B 89 11.53 1.88 -2.74
CA LEU B 89 10.29 1.92 -2.00
C LEU B 89 9.17 1.22 -2.77
N ASP B 90 8.10 0.92 -2.07
CA ASP B 90 6.94 0.32 -2.70
C ASP B 90 6.12 1.36 -3.46
N PRO B 91 5.78 1.13 -4.72
CA PRO B 91 5.09 2.17 -5.48
C PRO B 91 3.68 2.46 -5.04
N ALA B 92 2.96 1.48 -4.50
CA ALA B 92 1.61 1.74 -4.02
C ALA B 92 1.60 2.75 -2.89
N ILE B 93 2.60 2.67 -2.00
CA ILE B 93 2.70 3.62 -0.89
C ILE B 93 3.04 5.02 -1.39
N VAL B 94 3.98 5.10 -2.32
CA VAL B 94 4.30 6.40 -2.90
C VAL B 94 3.07 7.00 -3.59
N ALA B 95 2.42 6.18 -4.43
CA ALA B 95 1.21 6.61 -5.13
C ALA B 95 0.16 7.14 -4.16
N ALA B 96 -0.07 6.44 -3.03
CA ALA B 96 -1.08 6.90 -2.09
C ALA B 96 -0.68 8.24 -1.47
N ALA B 97 0.59 8.38 -1.12
CA ALA B 97 1.05 9.65 -0.58
C ALA B 97 0.85 10.78 -1.59
N LEU B 98 0.99 10.47 -2.87
CA LEU B 98 0.87 11.52 -3.88
C LEU B 98 -0.57 11.91 -4.16
N ILE B 99 -1.51 10.98 -3.96
CA ILE B 99 -2.95 11.26 -4.00
C ILE B 99 -3.26 12.50 -3.19
N ALA B 100 -2.72 12.52 -1.97
CA ALA B 100 -3.05 13.52 -0.98
C ALA B 100 -2.52 14.89 -1.31
N SER B 101 -1.57 15.03 -2.23
CA SER B 101 -1.09 16.36 -2.58
C SER B 101 -1.39 16.74 -4.02
N THR B 102 -2.20 15.96 -4.71
CA THR B 102 -2.60 16.27 -6.08
C THR B 102 -4.12 16.20 -6.17
N THR B 103 -4.67 16.80 -7.22
CA THR B 103 -6.10 16.67 -7.45
C THR B 103 -6.47 16.10 -8.81
N LYS B 104 -5.63 16.28 -9.83
CA LYS B 104 -5.94 15.86 -11.18
C LYS B 104 -4.91 14.92 -11.79
N LEU B 105 -3.66 15.00 -11.36
CA LEU B 105 -2.62 14.15 -11.91
C LEU B 105 -2.96 12.68 -11.80
N GLY B 106 -2.78 11.96 -12.92
CA GLY B 106 -2.84 10.51 -12.88
C GLY B 106 -1.63 9.86 -12.20
N LEU B 107 -1.88 8.71 -11.57
CA LEU B 107 -0.86 7.96 -10.85
C LEU B 107 -0.91 6.52 -11.34
N VAL B 108 0.14 6.07 -12.03
CA VAL B 108 0.24 4.72 -12.59
C VAL B 108 1.33 3.97 -11.84
N MET B 109 1.01 2.77 -11.34
CA MET B 109 2.02 1.99 -10.62
C MET B 109 2.16 0.60 -11.23
N THR B 110 3.39 0.11 -11.25
CA THR B 110 3.67 -1.27 -11.58
C THR B 110 3.21 -2.17 -10.45
N GLY B 111 2.60 -3.30 -10.82
CA GLY B 111 2.21 -4.32 -9.86
C GLY B 111 2.33 -5.68 -10.51
N SER B 112 2.89 -6.65 -9.78
CA SER B 112 3.26 -7.94 -10.35
C SER B 112 2.17 -8.98 -10.11
N THR B 113 1.77 -9.65 -11.21
CA THR B 113 0.87 -10.79 -11.15
C THR B 113 1.55 -12.06 -10.64
N LEU B 114 2.87 -12.07 -10.59
CA LEU B 114 3.59 -13.25 -10.12
C LEU B 114 3.71 -13.29 -8.60
N LEU B 115 3.75 -12.12 -7.97
CA LEU B 115 4.08 -12.00 -6.57
C LEU B 115 3.00 -11.36 -5.70
N GLU B 116 2.04 -10.66 -6.29
CA GLU B 116 0.89 -10.13 -5.55
C GLU B 116 -0.16 -11.23 -5.38
N GLN B 117 -0.89 -11.18 -4.29
CA GLN B 117 -2.12 -11.96 -4.16
C GLN B 117 -3.27 -11.14 -4.73
N PRO B 118 -4.04 -11.69 -5.68
CA PRO B 118 -5.11 -10.89 -6.33
C PRO B 118 -6.14 -10.29 -5.37
N TYR B 119 -6.56 -11.01 -4.33
CA TYR B 119 -7.62 -10.48 -3.49
C TYR B 119 -7.17 -9.22 -2.75
N SER B 120 -5.97 -9.28 -2.15
CA SER B 120 -5.48 -8.09 -1.48
C SER B 120 -5.08 -7.01 -2.48
N PHE B 121 -4.52 -7.39 -3.62
CA PHE B 121 -4.17 -6.40 -4.63
C PHE B 121 -5.41 -5.68 -5.14
N ALA B 122 -6.50 -6.41 -5.41
CA ALA B 122 -7.72 -5.74 -5.88
C ALA B 122 -8.21 -4.73 -4.85
N ARG B 123 -8.20 -5.09 -3.55
CA ARG B 123 -8.62 -4.14 -2.52
C ARG B 123 -7.71 -2.92 -2.49
N ARG B 124 -6.40 -3.12 -2.67
CA ARG B 124 -5.47 -2.01 -2.52
C ARG B 124 -5.65 -1.04 -3.66
N MET B 125 -5.74 -1.57 -4.88
CA MET B 125 -5.88 -0.71 -6.07
C MET B 125 -7.21 0.03 -6.03
N ALA B 126 -8.29 -0.67 -5.67
CA ALA B 126 -9.58 -0.02 -5.59
C ALA B 126 -9.60 1.04 -4.48
N SER B 127 -8.85 0.84 -3.40
CA SER B 127 -8.71 1.87 -2.38
C SER B 127 -8.04 3.13 -2.94
N LEU B 128 -6.93 2.95 -3.65
CA LEU B 128 -6.29 4.07 -4.35
C LEU B 128 -7.27 4.79 -5.28
N ASP B 129 -8.05 4.01 -6.04
CA ASP B 129 -9.00 4.59 -6.98
C ASP B 129 -10.10 5.38 -6.27
N HIS B 130 -10.64 4.85 -5.17
CA HIS B 130 -11.61 5.61 -4.38
C HIS B 130 -11.03 6.91 -3.86
N LEU B 131 -9.88 6.84 -3.18
CA LEU B 131 -9.37 8.05 -2.54
C LEU B 131 -8.91 9.10 -3.57
N SER B 132 -8.44 8.65 -4.72
CA SER B 132 -7.99 9.55 -5.77
C SER B 132 -9.11 10.06 -6.67
N LYS B 133 -10.32 9.53 -6.50
CA LYS B 133 -11.47 9.85 -7.34
C LYS B 133 -11.21 9.44 -8.80
N GLY B 134 -10.59 8.30 -9.01
CA GLY B 134 -10.46 7.75 -10.34
C GLY B 134 -9.25 8.15 -11.16
N ARG B 135 -8.09 8.26 -10.52
CA ARG B 135 -6.86 8.72 -11.17
C ARG B 135 -5.76 7.67 -11.26
N ILE B 136 -6.08 6.39 -11.03
CA ILE B 136 -5.08 5.35 -10.90
C ILE B 136 -4.98 4.53 -12.16
N GLY B 137 -3.74 4.09 -12.42
CA GLY B 137 -3.44 3.14 -13.47
C GLY B 137 -2.57 2.05 -12.88
N TRP B 138 -2.59 0.91 -13.55
CA TRP B 138 -1.81 -0.26 -13.14
C TRP B 138 -0.99 -0.76 -14.33
N ASN B 139 0.32 -0.73 -14.22
CA ASN B 139 1.17 -1.35 -15.22
C ASN B 139 1.35 -2.82 -14.83
N VAL B 140 0.76 -3.70 -15.63
CA VAL B 140 0.67 -5.13 -15.33
C VAL B 140 1.97 -5.78 -15.75
N VAL B 141 2.72 -6.34 -14.79
CA VAL B 141 3.96 -7.00 -15.11
C VAL B 141 3.89 -8.40 -14.52
N THR B 142 4.74 -9.26 -15.06
CA THR B 142 4.96 -10.55 -14.42
C THR B 142 6.21 -10.42 -13.54
N THR B 143 7.38 -10.63 -14.13
CA THR B 143 8.60 -10.24 -13.47
C THR B 143 9.68 -10.05 -14.53
N GLY B 144 10.57 -9.09 -14.26
CA GLY B 144 11.76 -8.91 -15.06
C GLY B 144 13.02 -9.42 -14.38
N THR B 145 12.90 -9.81 -13.11
CA THR B 145 14.01 -10.32 -12.31
C THR B 145 13.59 -11.63 -11.65
N ALA B 146 13.25 -12.61 -12.49
CA ALA B 146 12.52 -13.79 -12.03
C ALA B 146 13.31 -14.61 -11.02
N GLU B 147 14.61 -14.82 -11.26
CA GLU B 147 15.42 -15.65 -10.36
C GLU B 147 15.42 -15.08 -8.94
N THR B 148 15.81 -13.82 -8.80
CA THR B 148 16.01 -13.25 -7.48
C THR B 148 14.68 -12.98 -6.80
N ALA B 149 13.70 -12.52 -7.56
CA ALA B 149 12.41 -12.16 -6.97
C ALA B 149 11.73 -13.40 -6.41
N SER B 150 11.87 -14.54 -7.09
CA SER B 150 11.29 -15.79 -6.62
C SER B 150 11.95 -16.25 -5.34
N ALA B 151 13.30 -16.22 -5.30
CA ALA B 151 14.00 -16.59 -4.08
C ALA B 151 13.60 -15.68 -2.93
N ALA B 152 13.36 -14.39 -3.22
CA ALA B 152 13.01 -13.47 -2.16
C ALA B 152 11.67 -13.84 -1.52
N PHE B 153 10.71 -14.28 -2.32
CA PHE B 153 9.40 -14.63 -1.80
C PHE B 153 9.31 -16.10 -1.37
N GLY B 154 10.36 -16.88 -1.60
CA GLY B 154 10.39 -18.27 -1.22
C GLY B 154 9.57 -19.20 -2.10
N VAL B 155 9.33 -18.82 -3.35
CA VAL B 155 8.48 -19.58 -4.27
C VAL B 155 9.29 -20.13 -5.44
N PRO B 156 8.88 -21.22 -6.05
CA PRO B 156 9.63 -21.76 -7.19
C PRO B 156 9.51 -20.87 -8.42
N MET B 157 10.43 -21.10 -9.35
CA MET B 157 10.42 -20.44 -10.65
C MET B 157 9.17 -20.79 -11.42
N VAL B 158 8.67 -19.83 -12.18
CA VAL B 158 7.63 -20.04 -13.18
C VAL B 158 8.19 -19.56 -14.51
N ALA B 159 8.19 -20.45 -15.49
CA ALA B 159 8.76 -20.16 -16.80
C ALA B 159 7.98 -19.05 -17.51
N HIS B 160 8.61 -18.50 -18.54
CA HIS B 160 8.20 -17.22 -19.11
C HIS B 160 6.74 -17.22 -19.56
N ASP B 161 6.38 -18.16 -20.43
CA ASP B 161 5.02 -18.18 -20.97
C ASP B 161 4.01 -18.58 -19.91
N ASP B 162 4.39 -19.47 -18.99
CA ASP B 162 3.48 -19.80 -17.90
C ASP B 162 3.19 -18.59 -17.03
N ARG B 163 4.16 -17.67 -16.89
CA ARG B 163 3.90 -16.45 -16.13
C ARG B 163 2.72 -15.69 -16.70
N TYR B 164 2.60 -15.67 -18.03
CA TYR B 164 1.49 -14.96 -18.65
C TYR B 164 0.17 -15.71 -18.50
N ASP B 165 0.20 -17.03 -18.45
CA ASP B 165 -1.04 -17.78 -18.20
C ASP B 165 -1.52 -17.52 -16.79
N MET B 166 -0.57 -17.49 -15.85
CA MET B 166 -0.88 -17.05 -14.50
C MET B 166 -1.43 -15.64 -14.49
N ALA B 167 -0.87 -14.73 -15.29
CA ALA B 167 -1.39 -13.37 -15.32
C ALA B 167 -2.82 -13.31 -15.86
N ASP B 168 -3.15 -14.13 -16.86
CA ASP B 168 -4.53 -14.20 -17.33
C ASP B 168 -5.49 -14.60 -16.20
N ASP B 169 -5.11 -15.60 -15.42
CA ASP B 169 -5.96 -16.04 -14.31
C ASP B 169 -6.09 -14.94 -13.27
N PHE B 170 -4.98 -14.27 -12.95
CA PHE B 170 -5.00 -13.11 -12.05
C PHE B 170 -5.97 -12.05 -12.54
N MET B 171 -5.91 -11.71 -13.84
CA MET B 171 -6.78 -10.68 -14.39
C MET B 171 -8.24 -11.07 -14.24
N GLU B 172 -8.57 -12.33 -14.52
CA GLU B 172 -9.95 -12.77 -14.42
C GLU B 172 -10.48 -12.58 -13.01
N LEU B 173 -9.69 -12.93 -12.00
CA LEU B 173 -10.16 -12.76 -10.64
C LEU B 173 -10.29 -11.27 -10.28
N VAL B 174 -9.31 -10.44 -10.64
CA VAL B 174 -9.43 -9.04 -10.23
C VAL B 174 -10.56 -8.34 -10.98
N TYR B 175 -10.85 -8.77 -12.20
CA TYR B 175 -12.03 -8.25 -12.91
C TYR B 175 -13.31 -8.58 -12.17
N LYS B 176 -13.41 -9.82 -11.65
CA LYS B 176 -14.61 -10.19 -10.89
C LYS B 176 -14.73 -9.33 -9.65
N LEU B 177 -13.61 -9.04 -8.98
CA LEU B 177 -13.65 -8.26 -7.76
C LEU B 177 -13.95 -6.80 -8.04
N TRP B 178 -13.41 -6.26 -9.14
CA TRP B 178 -13.61 -4.84 -9.44
C TRP B 178 -14.92 -4.58 -10.16
N GLU B 179 -15.32 -5.46 -11.08
CA GLU B 179 -16.49 -5.19 -11.92
C GLU B 179 -17.72 -6.00 -11.54
N GLY B 180 -17.57 -7.14 -10.87
CA GLY B 180 -18.72 -8.01 -10.68
C GLY B 180 -19.23 -8.11 -9.25
N ALA B 181 -18.41 -7.70 -8.29
CA ALA B 181 -18.77 -7.95 -6.89
C ALA B 181 -19.76 -6.92 -6.37
N TRP B 182 -19.61 -5.66 -6.80
CA TRP B 182 -20.46 -4.54 -6.38
C TRP B 182 -20.88 -3.80 -7.63
N GLU B 183 -22.19 -3.65 -7.84
CA GLU B 183 -22.62 -2.88 -9.01
C GLU B 183 -22.33 -1.40 -8.78
N PRO B 184 -22.21 -0.62 -9.85
CA PRO B 184 -21.76 0.77 -9.70
C PRO B 184 -22.57 1.60 -8.73
N ASP B 185 -23.87 1.36 -8.67
CA ASP B 185 -24.78 2.13 -7.82
C ASP B 185 -25.22 1.38 -6.54
N ALA B 186 -24.47 0.37 -6.12
CA ALA B 186 -24.90 -0.40 -4.96
C ALA B 186 -25.04 0.47 -3.71
N LEU B 187 -24.12 1.42 -3.52
CA LEU B 187 -24.08 2.22 -2.30
C LEU B 187 -25.07 3.37 -2.42
N GLU B 188 -25.95 3.50 -1.44
CA GLU B 188 -26.94 4.57 -1.44
C GLU B 188 -26.73 5.52 -0.29
N ARG B 189 -26.33 5.00 0.87
CA ARG B 189 -25.93 5.80 2.03
C ARG B 189 -26.97 6.85 2.40
N ASP B 190 -28.24 6.45 2.39
CA ASP B 190 -29.37 7.26 2.80
C ASP B 190 -29.75 6.91 4.23
N LYS B 191 -29.51 7.84 5.15
CA LYS B 191 -29.81 7.56 6.55
C LYS B 191 -31.29 7.34 6.77
N GLN B 192 -32.15 7.75 5.82
CA GLN B 192 -33.58 7.49 5.88
C GLN B 192 -33.99 6.35 4.98
N GLY B 193 -33.05 5.74 4.26
CA GLY B 193 -33.33 4.62 3.37
C GLY B 193 -32.44 3.43 3.64
N ARG B 194 -31.63 3.06 2.66
CA ARG B 194 -30.69 1.95 2.77
C ARG B 194 -29.27 2.46 2.69
N TYR B 195 -28.38 1.74 3.38
CA TYR B 195 -26.97 1.96 3.17
C TYR B 195 -26.56 1.48 1.77
N ALA B 196 -26.87 0.22 1.46
CA ALA B 196 -26.58 -0.36 0.16
C ALA B 196 -27.76 -1.22 -0.24
N ASP B 197 -27.94 -1.37 -1.54
CA ASP B 197 -28.98 -2.21 -2.10
C ASP B 197 -28.48 -3.64 -2.11
N PRO B 198 -29.07 -4.54 -1.32
CA PRO B 198 -28.55 -5.91 -1.22
C PRO B 198 -28.58 -6.68 -2.53
N ALA B 199 -29.46 -6.31 -3.46
CA ALA B 199 -29.52 -6.91 -4.79
C ALA B 199 -28.34 -6.54 -5.67
N LYS B 200 -27.56 -5.53 -5.30
CA LYS B 200 -26.45 -5.09 -6.13
C LYS B 200 -25.10 -5.49 -5.58
N VAL B 201 -25.07 -6.38 -4.60
CA VAL B 201 -23.83 -6.80 -3.95
C VAL B 201 -23.76 -8.29 -4.14
N HIS B 202 -22.70 -8.78 -4.76
CA HIS B 202 -22.67 -10.16 -5.25
C HIS B 202 -21.50 -10.95 -4.71
N ARG B 203 -21.75 -12.23 -4.43
CA ARG B 203 -20.69 -13.18 -4.17
C ARG B 203 -20.01 -13.51 -5.50
N ILE B 204 -18.69 -13.61 -5.51
CA ILE B 204 -18.02 -14.08 -6.71
C ILE B 204 -17.50 -15.48 -6.44
N ASP B 205 -17.27 -16.23 -7.51
CA ASP B 205 -16.70 -17.56 -7.39
C ASP B 205 -15.70 -17.69 -8.53
N HIS B 206 -14.47 -18.01 -8.17
CA HIS B 206 -13.40 -18.14 -9.13
C HIS B 206 -12.56 -19.35 -8.75
N GLU B 207 -12.37 -20.24 -9.71
CA GLU B 207 -11.56 -21.43 -9.58
C GLU B 207 -10.71 -21.49 -10.85
N GLY B 208 -9.47 -21.02 -10.76
CA GLY B 208 -8.59 -21.01 -11.90
C GLY B 208 -7.40 -21.91 -11.69
N PRO B 209 -6.55 -22.04 -12.71
CA PRO B 209 -5.37 -22.90 -12.55
C PRO B 209 -4.43 -22.40 -11.47
N TYR B 210 -4.39 -21.09 -11.20
CA TYR B 210 -3.45 -20.52 -10.24
C TYR B 210 -4.09 -19.91 -9.02
N PHE B 211 -5.32 -19.40 -9.13
CA PHE B 211 -5.94 -18.64 -8.03
C PHE B 211 -7.36 -19.12 -7.81
N ARG B 212 -7.81 -19.04 -6.56
CA ARG B 212 -9.15 -19.40 -6.17
C ARG B 212 -9.68 -18.33 -5.21
N SER B 213 -10.97 -18.02 -5.32
CA SER B 213 -11.65 -17.06 -4.45
C SER B 213 -13.14 -17.35 -4.45
N ASN B 214 -13.76 -17.34 -3.28
CA ASN B 214 -15.19 -17.55 -3.14
C ASN B 214 -15.66 -16.65 -2.03
N GLY B 215 -16.56 -15.73 -2.35
CA GLY B 215 -17.08 -14.83 -1.33
C GLY B 215 -17.28 -13.44 -1.89
N TYR B 216 -17.30 -12.47 -0.99
CA TYR B 216 -17.58 -11.10 -1.37
C TYR B 216 -16.27 -10.34 -1.57
N GLY B 217 -16.37 -9.22 -2.24
CA GLY B 217 -15.23 -8.32 -2.35
C GLY B 217 -15.27 -7.22 -1.30
N ASN B 218 -14.08 -6.80 -0.83
CA ASN B 218 -14.01 -5.82 0.24
C ASN B 218 -14.45 -4.42 -0.21
N THR B 219 -14.14 -4.06 -1.46
CA THR B 219 -14.27 -2.67 -1.90
C THR B 219 -15.46 -2.54 -2.83
N SER B 220 -16.24 -1.47 -2.66
CA SER B 220 -17.35 -1.27 -3.55
C SER B 220 -16.82 -0.73 -4.87
N TYR B 221 -17.72 -0.55 -5.83
CA TYR B 221 -17.33 -0.16 -7.17
C TYR B 221 -16.62 1.20 -7.15
N SER B 222 -15.40 1.26 -7.63
CA SER B 222 -14.63 2.49 -7.56
C SER B 222 -14.91 3.39 -8.77
N PRO B 223 -14.48 4.65 -8.70
CA PRO B 223 -14.84 5.63 -9.73
C PRO B 223 -14.57 5.15 -11.16
N GLN B 224 -13.45 4.48 -11.41
CA GLN B 224 -13.14 3.92 -12.73
C GLN B 224 -13.50 2.45 -12.85
N GLY B 225 -13.81 1.78 -11.76
CA GLY B 225 -14.09 0.36 -11.76
C GLY B 225 -12.82 -0.45 -11.65
N THR B 226 -12.08 -0.46 -12.73
CA THR B 226 -10.79 -1.08 -12.91
C THR B 226 -9.78 0.02 -13.18
N PRO B 227 -8.61 0.02 -12.55
CA PRO B 227 -7.61 1.02 -12.93
C PRO B 227 -7.25 0.95 -14.41
N VAL B 228 -6.78 2.07 -14.97
CA VAL B 228 -6.32 2.04 -16.36
C VAL B 228 -5.20 1.03 -16.48
N LEU B 229 -5.31 0.12 -17.45
CA LEU B 229 -4.37 -0.99 -17.54
C LEU B 229 -3.27 -0.62 -18.53
N PHE B 230 -2.05 -0.59 -18.05
CA PHE B 230 -0.87 -0.40 -18.87
C PHE B 230 -0.13 -1.72 -19.01
N GLN B 231 0.56 -1.91 -20.13
CA GLN B 231 1.31 -3.13 -20.33
C GLN B 231 2.42 -2.87 -21.34
N ALA B 232 3.59 -3.55 -21.17
CA ALA B 232 4.72 -3.34 -22.09
C ALA B 232 5.46 -4.60 -22.58
N GLY B 233 4.83 -5.75 -22.66
CA GLY B 233 5.55 -6.98 -23.09
C GLY B 233 5.78 -7.04 -24.59
N SER B 234 7.00 -7.46 -24.97
CA SER B 234 7.40 -7.52 -26.37
C SER B 234 7.60 -8.95 -26.86
N SER B 235 7.51 -9.95 -25.98
CA SER B 235 7.55 -11.32 -26.47
C SER B 235 6.25 -11.63 -27.18
N GLU B 236 6.29 -12.72 -27.94
CA GLU B 236 5.11 -13.21 -28.63
C GLU B 236 3.95 -13.35 -27.65
N ARG B 237 4.20 -14.01 -26.52
CA ARG B 237 3.15 -14.27 -25.54
C ARG B 237 2.75 -13.00 -24.82
N GLY B 238 3.71 -12.11 -24.54
CA GLY B 238 3.38 -10.88 -23.85
C GLY B 238 2.59 -9.94 -24.71
N ARG B 239 2.86 -9.95 -26.02
CA ARG B 239 2.07 -9.17 -26.97
C ARG B 239 0.63 -9.67 -27.01
N GLN B 240 0.41 -10.99 -26.95
CA GLN B 240 -0.98 -11.48 -26.87
C GLN B 240 -1.65 -10.99 -25.59
N PHE B 241 -0.93 -11.05 -24.48
CA PHE B 241 -1.51 -10.59 -23.21
C PHE B 241 -1.89 -9.11 -23.28
N GLY B 242 -0.98 -8.27 -23.80
CA GLY B 242 -1.28 -6.85 -23.92
C GLY B 242 -2.43 -6.60 -24.88
N GLY B 243 -2.47 -7.36 -25.96
CA GLY B 243 -3.57 -7.22 -26.91
C GLY B 243 -4.91 -7.50 -26.27
N ARG B 244 -4.96 -8.44 -25.33
CA ARG B 244 -6.18 -8.81 -24.64
C ARG B 244 -6.58 -7.79 -23.57
N HIS B 245 -5.65 -7.38 -22.71
CA HIS B 245 -5.99 -6.60 -21.52
C HIS B 245 -5.55 -5.16 -21.55
N GLY B 246 -4.49 -4.82 -22.25
CA GLY B 246 -3.85 -3.53 -22.05
C GLY B 246 -4.65 -2.43 -22.73
N GLU B 247 -4.86 -1.33 -22.02
CA GLU B 247 -5.51 -0.16 -22.61
C GLU B 247 -4.49 0.82 -23.15
N CYS B 248 -3.33 0.91 -22.50
N CYS B 248 -3.37 0.95 -22.47
CA CYS B 248 -2.24 1.73 -22.97
CA CYS B 248 -2.23 1.72 -22.94
C CYS B 248 -0.97 0.89 -22.98
C CYS B 248 -1.05 0.76 -23.00
N ILE B 249 -0.39 0.70 -24.15
CA ILE B 249 0.79 -0.14 -24.35
C ILE B 249 2.01 0.75 -24.53
N PHE B 250 3.03 0.47 -23.72
CA PHE B 250 4.31 1.17 -23.73
C PHE B 250 5.26 0.45 -24.67
N LEU B 251 6.04 1.21 -25.42
CA LEU B 251 7.06 0.70 -26.31
C LEU B 251 8.37 1.38 -25.98
N GLY B 252 9.47 0.63 -26.02
CA GLY B 252 10.77 1.23 -25.93
C GLY B 252 11.13 1.98 -27.21
N GLY B 253 12.18 2.78 -27.13
CA GLY B 253 12.60 3.52 -28.30
C GLY B 253 13.03 2.63 -29.44
N ALA B 254 12.78 3.08 -30.66
CA ALA B 254 13.21 2.38 -31.84
C ALA B 254 13.14 3.34 -33.01
N PRO B 255 13.91 3.09 -34.07
CA PRO B 255 13.77 3.92 -35.27
C PRO B 255 12.33 3.93 -35.74
N ILE B 256 11.93 5.06 -36.32
CA ILE B 256 10.51 5.29 -36.64
C ILE B 256 9.91 4.16 -37.46
N PRO B 257 10.55 3.66 -38.52
CA PRO B 257 9.91 2.58 -39.30
C PRO B 257 9.64 1.34 -38.50
N LYS B 258 10.56 0.97 -37.60
CA LYS B 258 10.39 -0.19 -36.73
C LYS B 258 9.27 0.06 -35.74
N LEU B 259 9.27 1.23 -35.10
CA LEU B 259 8.19 1.58 -34.19
C LEU B 259 6.83 1.52 -34.89
N ALA B 260 6.76 2.00 -36.13
CA ALA B 260 5.49 1.97 -36.86
C ALA B 260 4.99 0.55 -37.03
N GLU B 261 5.89 -0.38 -37.39
CA GLU B 261 5.50 -1.78 -37.54
C GLU B 261 5.09 -2.38 -36.20
N GLN B 262 5.79 -2.05 -35.12
CA GLN B 262 5.39 -2.62 -33.84
C GLN B 262 4.01 -2.12 -33.46
N VAL B 263 3.73 -0.83 -33.70
CA VAL B 263 2.41 -0.29 -33.43
C VAL B 263 1.34 -1.03 -34.23
N ARG B 264 1.60 -1.25 -35.51
CA ARG B 264 0.62 -1.97 -36.31
C ARG B 264 0.41 -3.38 -35.76
N ALA B 265 1.48 -4.03 -35.31
CA ALA B 265 1.37 -5.37 -34.76
C ALA B 265 0.53 -5.38 -33.48
N ILE B 266 0.76 -4.40 -32.59
CA ILE B 266 0.02 -4.34 -31.32
C ILE B 266 -1.46 -4.04 -31.56
N ARG B 267 -1.77 -3.14 -32.49
CA ARG B 267 -3.17 -2.88 -32.83
C ARG B 267 -3.82 -4.11 -33.47
N ALA B 268 -3.08 -4.88 -34.27
CA ALA B 268 -3.62 -6.13 -34.78
C ALA B 268 -3.87 -7.17 -33.69
N GLU B 269 -3.07 -7.17 -32.61
CA GLU B 269 -3.34 -8.09 -31.49
C GLU B 269 -4.63 -7.71 -30.76
N ALA B 270 -4.92 -6.42 -30.64
CA ALA B 270 -6.18 -6.01 -30.03
C ALA B 270 -7.36 -6.38 -30.91
N VAL B 271 -7.22 -6.22 -32.22
CA VAL B 271 -8.31 -6.60 -33.12
C VAL B 271 -8.55 -8.11 -33.06
N ALA B 272 -7.48 -8.90 -32.98
CA ALA B 272 -7.64 -10.35 -32.87
C ALA B 272 -8.35 -10.75 -31.57
N GLU B 273 -8.40 -9.87 -30.57
CA GLU B 273 -9.12 -10.14 -29.33
C GLU B 273 -10.48 -9.45 -29.30
N GLY B 274 -10.95 -8.96 -30.45
CA GLY B 274 -12.28 -8.41 -30.54
C GLY B 274 -12.38 -6.94 -30.19
N ARG B 275 -11.26 -6.26 -30.02
CA ARG B 275 -11.26 -4.86 -29.63
C ARG B 275 -11.02 -3.97 -30.84
N ALA B 276 -11.50 -2.73 -30.75
CA ALA B 276 -11.24 -1.78 -31.83
C ALA B 276 -9.78 -1.40 -31.85
N ALA B 277 -9.25 -1.22 -33.07
CA ALA B 277 -7.84 -0.90 -33.26
C ALA B 277 -7.48 0.42 -32.60
N ASP B 278 -8.40 1.37 -32.59
CA ASP B 278 -8.12 2.66 -31.99
C ASP B 278 -8.49 2.73 -30.52
N SER B 279 -8.99 1.63 -29.91
CA SER B 279 -9.35 1.60 -28.50
C SER B 279 -8.17 1.23 -27.59
N ILE B 280 -6.99 1.07 -28.16
CA ILE B 280 -5.77 0.84 -27.41
C ILE B 280 -4.83 1.98 -27.77
N LYS B 281 -4.18 2.56 -26.76
CA LYS B 281 -3.31 3.70 -26.93
C LYS B 281 -1.85 3.27 -26.81
N LEU B 282 -1.05 3.71 -27.76
CA LEU B 282 0.38 3.41 -27.81
C LEU B 282 1.20 4.60 -27.34
N MET B 283 2.06 4.39 -26.37
CA MET B 283 2.96 5.43 -25.91
C MET B 283 4.39 4.91 -25.97
N ALA B 284 5.27 5.74 -26.50
CA ALA B 284 6.67 5.39 -26.68
C ALA B 284 7.50 6.10 -25.63
N ALA B 285 8.47 5.39 -25.08
CA ALA B 285 9.44 6.03 -24.21
C ALA B 285 10.20 7.09 -25.00
N PHE B 286 10.47 8.22 -24.35
CA PHE B 286 11.12 9.30 -25.06
C PHE B 286 12.01 10.06 -24.07
N SER B 287 13.26 10.25 -24.43
CA SER B 287 14.20 10.95 -23.57
C SER B 287 14.78 12.12 -24.37
N CYS B 288 15.13 13.17 -23.65
CA CYS B 288 15.72 14.32 -24.33
C CYS B 288 16.56 15.11 -23.36
N VAL B 289 17.47 15.89 -23.94
CA VAL B 289 18.29 16.87 -23.25
C VAL B 289 18.14 18.16 -24.05
N ILE B 290 17.70 19.23 -23.39
CA ILE B 290 17.30 20.46 -24.06
C ILE B 290 18.19 21.60 -23.60
N ALA B 291 18.55 22.48 -24.53
CA ALA B 291 19.29 23.69 -24.19
C ALA B 291 18.99 24.72 -25.30
N PRO B 292 19.29 26.00 -25.06
CA PRO B 292 18.94 27.02 -26.07
C PRO B 292 19.66 26.84 -27.40
N THR B 293 20.85 26.27 -27.40
CA THR B 293 21.59 25.99 -28.64
C THR B 293 21.91 24.51 -28.71
N HIS B 294 22.14 24.02 -29.92
CA HIS B 294 22.44 22.61 -30.08
C HIS B 294 23.74 22.23 -29.37
N GLU B 295 24.78 23.08 -29.48
CA GLU B 295 26.04 22.75 -28.83
C GLU B 295 25.92 22.77 -27.31
N GLU B 296 25.09 23.67 -26.77
CA GLU B 296 24.89 23.69 -25.32
C GLU B 296 24.25 22.39 -24.86
N ALA B 297 23.32 21.84 -25.64
CA ALA B 297 22.67 20.57 -25.30
C ALA B 297 23.67 19.42 -25.32
N VAL B 298 24.53 19.38 -26.33
CA VAL B 298 25.57 18.34 -26.42
C VAL B 298 26.47 18.37 -25.21
N GLN B 299 26.92 19.57 -24.79
CA GLN B 299 27.77 19.66 -23.63
C GLN B 299 27.02 19.29 -22.37
N LYS B 300 25.73 19.66 -22.29
CA LYS B 300 24.91 19.33 -21.15
C LYS B 300 24.73 17.83 -21.05
N TYR B 301 24.45 17.18 -22.17
CA TYR B 301 24.38 15.72 -22.20
C TYR B 301 25.73 15.13 -21.83
N GLN B 302 26.80 15.72 -22.36
CA GLN B 302 28.15 15.25 -22.05
C GLN B 302 28.42 15.27 -20.55
N GLU B 303 28.01 16.34 -19.86
CA GLU B 303 28.30 16.44 -18.44
C GLU B 303 27.57 15.37 -17.62
N VAL B 304 26.38 14.96 -18.03
CA VAL B 304 25.75 13.87 -17.28
C VAL B 304 26.48 12.57 -17.56
N LEU B 305 26.85 12.30 -18.82
CA LEU B 305 27.60 11.10 -19.13
C LEU B 305 28.92 11.04 -18.34
N ASP B 306 29.64 12.17 -18.25
CA ASP B 306 30.88 12.19 -17.49
C ASP B 306 30.66 11.99 -16.00
N SER B 307 29.44 12.18 -15.49
CA SER B 307 29.20 11.99 -14.06
C SER B 307 29.11 10.53 -13.67
N GLN B 308 28.92 9.62 -14.63
CA GLN B 308 28.70 8.21 -14.34
C GLN B 308 30.05 7.50 -14.31
N THR B 309 30.28 6.73 -13.25
CA THR B 309 31.53 5.99 -13.09
C THR B 309 31.72 5.01 -14.26
N PRO B 310 32.91 4.94 -14.87
CA PRO B 310 33.07 4.12 -16.09
C PRO B 310 32.92 2.63 -15.85
N GLU B 311 33.15 2.14 -14.63
CA GLU B 311 33.03 0.71 -14.33
C GLU B 311 31.58 0.24 -14.39
N VAL B 312 30.62 1.15 -14.27
CA VAL B 312 29.21 0.77 -14.22
C VAL B 312 28.78 0.16 -15.54
N ALA B 313 29.21 0.75 -16.66
CA ALA B 313 28.71 0.33 -17.96
C ALA B 313 28.98 -1.15 -18.21
N VAL B 314 30.20 -1.62 -17.92
CA VAL B 314 30.53 -3.02 -18.11
C VAL B 314 29.73 -3.90 -17.15
N ALA B 315 29.64 -3.48 -15.88
CA ALA B 315 28.92 -4.26 -14.88
C ALA B 315 27.46 -4.45 -15.27
N SER B 316 26.77 -3.37 -15.65
CA SER B 316 25.33 -3.48 -15.92
C SER B 316 25.05 -4.11 -17.27
N TYR B 317 25.89 -3.87 -18.28
CA TYR B 317 25.73 -4.59 -19.54
C TYR B 317 25.81 -6.09 -19.31
N ALA B 318 26.77 -6.53 -18.49
CA ALA B 318 26.84 -7.94 -18.12
C ALA B 318 25.48 -8.46 -17.68
N TRP B 319 24.88 -7.86 -16.65
CA TRP B 319 23.64 -8.40 -16.12
C TRP B 319 22.52 -8.36 -17.16
N PHE B 320 22.30 -7.20 -17.78
CA PHE B 320 21.20 -7.06 -18.72
C PHE B 320 21.32 -7.97 -19.95
N THR B 321 22.50 -8.55 -20.21
CA THR B 321 22.69 -9.35 -21.41
C THR B 321 23.38 -10.68 -21.10
N GLY B 322 24.30 -10.69 -20.14
CA GLY B 322 25.05 -11.88 -19.81
C GLY B 322 26.47 -11.91 -20.36
N LEU B 323 26.86 -10.88 -21.12
CA LEU B 323 28.16 -10.86 -21.78
C LEU B 323 29.17 -10.13 -20.90
N ASP B 324 30.06 -10.88 -20.25
CA ASP B 324 31.11 -10.31 -19.42
C ASP B 324 32.19 -9.74 -20.34
N LEU B 325 32.20 -8.42 -20.50
CA LEU B 325 33.06 -7.76 -21.47
C LEU B 325 34.27 -7.10 -20.85
N SER B 326 34.50 -7.27 -19.55
CA SER B 326 35.63 -6.62 -18.90
C SER B 326 36.95 -7.01 -19.56
N SER B 327 37.01 -8.19 -20.17
CA SER B 327 38.28 -8.69 -20.71
C SER B 327 38.60 -8.09 -22.08
N TYR B 328 37.61 -8.04 -22.96
CA TYR B 328 37.87 -7.79 -24.37
C TYR B 328 38.27 -6.34 -24.62
N ASP B 329 39.34 -6.17 -25.39
CA ASP B 329 39.81 -4.85 -25.78
C ASP B 329 38.76 -4.15 -26.64
N PRO B 330 38.60 -2.82 -26.50
CA PRO B 330 37.49 -2.15 -27.18
C PRO B 330 37.56 -2.17 -28.71
N SER B 331 38.66 -2.63 -29.30
CA SER B 331 38.81 -2.70 -30.74
C SER B 331 38.27 -4.00 -31.34
N THR B 332 37.83 -4.95 -30.51
CA THR B 332 37.39 -6.25 -30.99
C THR B 332 36.01 -6.14 -31.62
N PRO B 333 35.84 -6.48 -32.89
CA PRO B 333 34.48 -6.55 -33.44
C PRO B 333 33.61 -7.48 -32.61
N MET B 334 32.34 -7.09 -32.42
CA MET B 334 31.42 -7.93 -31.66
C MET B 334 31.25 -9.28 -32.35
N SER B 335 31.01 -9.25 -33.67
CA SER B 335 30.84 -10.47 -34.43
C SER B 335 32.07 -11.37 -34.36
N GLU B 336 33.22 -10.83 -33.96
CA GLU B 336 34.42 -11.62 -33.73
C GLU B 336 34.35 -12.42 -32.43
N LEU B 337 33.32 -12.20 -31.62
CA LEU B 337 33.08 -12.98 -30.41
C LEU B 337 31.96 -13.99 -30.67
N HIS B 338 31.91 -15.01 -29.83
CA HIS B 338 30.81 -15.96 -29.85
C HIS B 338 29.87 -15.72 -28.66
N THR B 339 30.26 -16.23 -27.49
CA THR B 339 29.34 -16.36 -26.37
C THR B 339 28.04 -16.99 -26.86
N GLU B 340 27.18 -16.22 -27.53
CA GLU B 340 26.02 -16.82 -28.19
C GLU B 340 25.31 -15.82 -29.11
N LEU B 341 24.02 -16.08 -29.37
CA LEU B 341 23.10 -15.40 -30.30
C LEU B 341 22.97 -16.22 -31.57
N SER B 342 21.80 -16.12 -32.21
CA SER B 342 21.35 -17.11 -33.20
C SER B 342 21.79 -16.71 -34.60
N GLN B 343 23.09 -16.88 -34.85
CA GLN B 343 23.74 -16.47 -36.10
C GLN B 343 23.11 -15.19 -36.64
N THR B 344 22.34 -15.29 -37.73
CA THR B 344 21.74 -14.15 -38.42
C THR B 344 21.28 -13.00 -37.52
N GLN B 345 21.12 -13.25 -36.21
CA GLN B 345 20.96 -12.13 -35.28
C GLN B 345 22.29 -11.40 -35.06
N VAL B 346 23.39 -12.16 -34.99
CA VAL B 346 24.71 -11.57 -34.85
C VAL B 346 25.03 -10.62 -35.99
N ALA B 347 24.38 -10.79 -37.14
CA ALA B 347 24.59 -9.89 -38.27
C ALA B 347 23.99 -8.51 -38.03
N ARG B 348 23.01 -8.39 -37.13
CA ARG B 348 22.48 -7.07 -36.79
C ARG B 348 23.55 -6.19 -36.17
N PHE B 349 24.56 -6.80 -35.54
CA PHE B 349 25.67 -6.03 -34.98
C PHE B 349 26.43 -5.30 -36.08
N ALA B 350 26.54 -5.91 -37.26
CA ALA B 350 27.13 -5.26 -38.44
C ALA B 350 28.52 -4.72 -38.15
N GLY B 351 29.37 -5.57 -37.56
CA GLY B 351 30.76 -5.21 -37.35
C GLY B 351 30.98 -4.07 -36.39
N LEU B 352 30.22 -4.02 -35.29
CA LEU B 352 30.51 -3.10 -34.21
C LEU B 352 31.67 -3.63 -33.36
N THR B 353 32.31 -2.74 -32.63
CA THR B 353 33.39 -3.12 -31.72
C THR B 353 32.91 -3.01 -30.28
N VAL B 354 33.58 -3.75 -29.38
CA VAL B 354 33.21 -3.74 -27.97
C VAL B 354 33.11 -2.30 -27.46
N GLY B 355 34.09 -1.47 -27.80
CA GLY B 355 34.03 -0.06 -27.45
C GLY B 355 32.72 0.59 -27.89
N ASP B 356 32.28 0.30 -29.11
CA ASP B 356 31.03 0.89 -29.61
C ASP B 356 29.86 0.55 -28.70
N VAL B 357 29.72 -0.73 -28.36
CA VAL B 357 28.57 -1.16 -27.57
C VAL B 357 28.63 -0.54 -26.18
N LEU B 358 29.78 -0.64 -25.51
CA LEU B 358 29.89 -0.14 -24.15
C LEU B 358 29.71 1.39 -24.10
N ALA B 359 30.16 2.09 -25.14
CA ALA B 359 30.00 3.54 -25.15
C ALA B 359 28.53 3.94 -25.28
N ASP B 360 27.79 3.24 -26.15
CA ASP B 360 26.35 3.50 -26.27
C ASP B 360 25.61 3.03 -25.02
N TRP B 361 26.04 1.91 -24.45
CA TRP B 361 25.45 1.42 -23.21
C TRP B 361 25.71 2.37 -22.06
N HIS B 362 26.95 2.87 -21.95
CA HIS B 362 27.27 3.90 -20.97
C HIS B 362 26.32 5.08 -21.11
N ALA B 363 25.94 5.40 -22.35
CA ALA B 363 25.15 6.60 -22.62
C ALA B 363 23.73 6.48 -22.07
N HIS B 364 23.06 5.35 -22.27
CA HIS B 364 21.65 5.26 -21.88
C HIS B 364 21.18 3.91 -21.37
N GLY B 365 22.04 2.90 -21.26
CA GLY B 365 21.57 1.60 -20.75
C GLY B 365 20.42 1.07 -21.61
N VAL B 366 19.36 0.55 -20.96
CA VAL B 366 18.16 0.20 -21.71
C VAL B 366 17.20 1.37 -21.83
N ARG B 367 17.52 2.53 -21.27
CA ARG B 367 16.69 3.69 -21.52
C ARG B 367 16.79 4.07 -23.00
N THR B 368 15.78 4.77 -23.48
CA THR B 368 15.77 5.18 -24.88
C THR B 368 16.86 6.22 -25.12
N LYS B 369 17.46 6.18 -26.32
CA LYS B 369 18.46 7.16 -26.73
C LYS B 369 17.86 8.57 -26.71
N PRO B 370 18.44 9.51 -25.95
CA PRO B 370 17.82 10.85 -25.88
C PRO B 370 17.98 11.62 -27.18
N VAL B 371 16.95 12.38 -27.51
CA VAL B 371 17.05 13.45 -28.50
C VAL B 371 17.70 14.65 -27.82
N VAL B 372 18.80 15.13 -28.39
CA VAL B 372 19.66 16.14 -27.78
C VAL B 372 19.68 17.33 -28.73
N GLY B 373 19.07 18.43 -28.31
CA GLY B 373 19.05 19.61 -29.17
C GLY B 373 18.27 20.75 -28.56
N THR B 374 17.83 21.67 -29.42
CA THR B 374 17.10 22.83 -28.98
C THR B 374 15.65 22.47 -28.72
N PRO B 375 14.89 23.36 -28.08
CA PRO B 375 13.46 23.07 -27.89
C PRO B 375 12.73 22.81 -29.20
N GLU B 376 13.00 23.62 -30.22
CA GLU B 376 12.37 23.39 -31.52
C GLU B 376 12.79 22.04 -32.10
N GLU B 377 14.06 21.65 -31.90
CA GLU B 377 14.52 20.38 -32.42
C GLU B 377 13.85 19.21 -31.72
N VAL B 378 13.68 19.31 -30.41
CA VAL B 378 13.06 18.23 -29.68
C VAL B 378 11.58 18.14 -30.03
N ALA B 379 10.92 19.30 -30.13
CA ALA B 379 9.51 19.31 -30.52
C ALA B 379 9.32 18.65 -31.88
N ASP B 380 10.17 19.01 -32.85
CA ASP B 380 10.04 18.42 -34.18
C ASP B 380 10.21 16.90 -34.12
N ALA B 381 11.14 16.42 -33.30
CA ALA B 381 11.33 14.98 -33.14
C ALA B 381 10.08 14.30 -32.62
N ILE B 382 9.45 14.89 -31.60
CA ILE B 382 8.24 14.33 -31.02
C ILE B 382 7.16 14.21 -32.09
N VAL B 383 7.00 15.25 -32.89
CA VAL B 383 5.93 15.22 -33.87
C VAL B 383 6.24 14.21 -34.96
N GLU B 384 7.50 14.11 -35.37
CA GLU B 384 7.79 13.16 -36.45
C GLU B 384 7.66 11.73 -35.97
N LEU B 385 7.93 11.49 -34.68
CA LEU B 385 7.68 10.18 -34.11
C LEU B 385 6.19 9.87 -34.07
N ALA B 386 5.39 10.82 -33.58
CA ALA B 386 3.97 10.56 -33.39
C ALA B 386 3.30 10.34 -34.73
N GLU B 387 3.64 11.16 -35.72
CA GLU B 387 3.03 11.02 -37.04
C GLU B 387 3.55 9.78 -37.77
N GLY B 388 4.86 9.52 -37.72
CA GLY B 388 5.41 8.40 -38.46
C GLY B 388 4.99 7.04 -37.92
N ALA B 389 4.82 6.93 -36.61
CA ALA B 389 4.52 5.64 -36.00
C ALA B 389 3.09 5.53 -35.48
N ASP B 390 2.26 6.55 -35.63
CA ASP B 390 0.85 6.48 -35.20
C ASP B 390 0.73 6.29 -33.68
N LEU B 391 1.53 7.05 -32.94
CA LEU B 391 1.53 6.99 -31.49
C LEU B 391 0.47 7.92 -30.89
N ASP B 392 0.01 7.58 -29.71
CA ASP B 392 -0.99 8.39 -29.02
C ASP B 392 -0.38 9.22 -27.90
N GLY B 393 0.88 8.97 -27.55
CA GLY B 393 1.53 9.74 -26.51
C GLY B 393 2.95 9.28 -26.27
N PHE B 394 3.56 9.87 -25.26
CA PHE B 394 4.95 9.64 -24.93
C PHE B 394 5.12 9.52 -23.43
N LEU B 395 6.03 8.64 -23.03
CA LEU B 395 6.41 8.44 -21.64
C LEU B 395 7.78 9.08 -21.52
N LEU B 396 7.85 10.27 -20.91
CA LEU B 396 9.12 11.00 -20.82
C LEU B 396 10.05 10.30 -19.84
N THR B 397 11.23 9.91 -20.27
CA THR B 397 12.13 9.23 -19.34
C THR B 397 13.28 10.17 -19.01
N PRO B 398 13.37 10.69 -17.78
CA PRO B 398 14.38 11.71 -17.50
C PRO B 398 15.78 11.11 -17.46
N VAL B 399 16.77 11.93 -17.83
CA VAL B 399 18.17 11.53 -17.60
C VAL B 399 18.64 11.95 -16.22
N ILE B 400 18.20 13.12 -15.72
CA ILE B 400 18.37 13.52 -14.33
C ILE B 400 17.08 14.18 -13.85
N GLN B 401 16.80 14.02 -12.56
CA GLN B 401 15.62 14.64 -11.95
C GLN B 401 16.01 15.72 -10.94
N PRO B 402 15.20 16.80 -10.85
CA PRO B 402 14.00 17.05 -11.66
C PRO B 402 14.27 17.76 -13.00
N GLY B 403 15.54 18.03 -13.29
CA GLY B 403 15.88 18.93 -14.40
C GLY B 403 15.35 18.47 -15.75
N SER B 404 15.47 17.17 -16.05
CA SER B 404 14.99 16.66 -17.34
C SER B 404 13.50 16.93 -17.52
N THR B 405 12.72 16.77 -16.45
CA THR B 405 11.28 17.05 -16.53
C THR B 405 11.01 18.53 -16.67
N ILE B 406 11.64 19.34 -15.81
CA ILE B 406 11.44 20.78 -15.86
C ILE B 406 11.77 21.33 -17.24
N ASP B 407 12.92 20.92 -17.79
CA ASP B 407 13.32 21.41 -19.11
C ASP B 407 12.26 21.12 -20.18
N PHE B 408 11.69 19.90 -20.18
CA PHE B 408 10.69 19.56 -21.18
C PHE B 408 9.42 20.40 -21.00
N ILE B 409 9.01 20.58 -19.74
CA ILE B 409 7.81 21.33 -19.41
C ILE B 409 7.94 22.79 -19.81
N GLU B 410 9.10 23.39 -19.53
CA GLU B 410 9.25 24.83 -19.68
C GLU B 410 9.64 25.25 -21.08
N HIS B 411 10.19 24.35 -21.87
CA HIS B 411 10.72 24.68 -23.18
C HIS B 411 10.07 23.94 -24.35
N VAL B 412 9.62 22.70 -24.18
CA VAL B 412 9.11 21.89 -25.29
C VAL B 412 7.59 21.83 -25.28
N LEU B 413 7.00 21.54 -24.13
CA LEU B 413 5.55 21.44 -24.03
C LEU B 413 4.82 22.68 -24.53
N PRO B 414 5.27 23.90 -24.25
CA PRO B 414 4.58 25.07 -24.83
C PRO B 414 4.62 25.11 -26.36
N ILE B 415 5.69 24.63 -26.99
CA ILE B 415 5.69 24.57 -28.45
C ILE B 415 4.64 23.57 -28.92
N LEU B 416 4.62 22.39 -28.29
CA LEU B 416 3.67 21.38 -28.71
C LEU B 416 2.24 21.88 -28.52
N ARG B 417 2.00 22.61 -27.43
CA ARG B 417 0.69 23.22 -27.21
C ARG B 417 0.35 24.25 -28.29
N GLU B 418 1.29 25.15 -28.62
CA GLU B 418 1.00 26.15 -29.65
C GLU B 418 0.69 25.49 -30.98
N ARG B 419 1.37 24.39 -31.29
CA ARG B 419 1.14 23.66 -32.53
C ARG B 419 -0.16 22.87 -32.48
N GLY B 420 -0.77 22.76 -31.31
CA GLY B 420 -2.04 22.08 -31.16
C GLY B 420 -1.94 20.58 -31.07
N VAL B 421 -0.74 20.04 -30.84
CA VAL B 421 -0.56 18.59 -30.76
C VAL B 421 -0.63 18.09 -29.32
N ALA B 422 -0.66 18.99 -28.35
CA ALA B 422 -0.79 18.64 -26.94
C ALA B 422 -1.90 19.49 -26.36
N ALA B 423 -2.73 18.88 -25.51
CA ALA B 423 -3.80 19.59 -24.85
C ALA B 423 -3.23 20.65 -23.93
N SER B 424 -4.00 21.72 -23.71
CA SER B 424 -3.54 22.83 -22.90
C SER B 424 -3.64 22.56 -21.41
N GLY B 425 -4.52 21.67 -20.99
CA GLY B 425 -4.62 21.34 -19.58
C GLY B 425 -5.54 20.16 -19.36
N TYR B 426 -5.91 19.96 -18.09
CA TYR B 426 -6.80 18.88 -17.70
C TYR B 426 -8.22 19.17 -18.14
N ASP B 427 -8.74 18.35 -19.05
CA ASP B 427 -10.10 18.46 -19.55
C ASP B 427 -11.01 17.36 -19.04
N ALA B 428 -10.49 16.37 -18.33
CA ALA B 428 -11.28 15.25 -17.85
C ALA B 428 -10.78 14.86 -16.48
N PRO B 429 -11.68 14.49 -15.56
CA PRO B 429 -11.24 14.26 -14.19
C PRO B 429 -10.66 12.89 -13.88
N THR B 430 -10.96 11.84 -14.66
CA THR B 430 -10.40 10.50 -14.41
C THR B 430 -9.35 10.17 -15.45
N LEU B 431 -8.46 9.26 -15.07
CA LEU B 431 -7.37 8.91 -15.94
C LEU B 431 -7.84 8.21 -17.20
N ARG B 432 -8.88 7.36 -17.08
CA ARG B 432 -9.35 6.68 -18.27
C ARG B 432 -9.94 7.67 -19.27
N GLU B 433 -10.80 8.57 -18.82
CA GLU B 433 -11.36 9.57 -19.72
C GLU B 433 -10.25 10.36 -20.41
N ARG B 434 -9.24 10.75 -19.65
CA ARG B 434 -8.17 11.57 -20.21
C ARG B 434 -7.37 10.81 -21.25
N LEU B 435 -6.97 9.54 -20.97
CA LEU B 435 -6.08 8.82 -21.86
C LEU B 435 -6.81 8.10 -22.99
N LEU B 436 -8.00 7.59 -22.73
CA LEU B 436 -8.74 6.86 -23.75
C LEU B 436 -9.73 7.72 -24.51
N GLY B 437 -10.00 8.95 -24.05
CA GLY B 437 -11.04 9.75 -24.67
C GLY B 437 -12.44 9.24 -24.45
N THR B 438 -12.62 8.31 -23.53
CA THR B 438 -13.94 7.74 -23.30
C THR B 438 -14.88 8.77 -22.68
N GLU B 439 -16.19 8.49 -22.78
CA GLU B 439 -17.19 9.38 -22.23
C GLU B 439 -17.37 9.14 -20.75
N THR B 440 -17.20 7.88 -20.34
CA THR B 440 -17.37 7.33 -19.03
C THR B 440 -16.01 6.94 -18.45
N PRO B 441 -15.83 6.98 -17.13
CA PRO B 441 -14.54 6.57 -16.57
C PRO B 441 -14.29 5.08 -16.58
N VAL B 442 -15.25 4.26 -17.00
CA VAL B 442 -15.15 2.79 -16.85
C VAL B 442 -14.71 2.13 -18.16
N LEU B 443 -14.21 0.89 -18.04
CA LEU B 443 -13.78 0.11 -19.21
C LEU B 443 -14.79 0.16 -20.33
N ARG B 444 -14.27 0.16 -21.56
CA ARG B 444 -15.11 0.02 -22.75
C ARG B 444 -15.83 -1.32 -22.78
N GLU B 445 -16.98 -1.35 -23.46
CA GLU B 445 -17.75 -2.59 -23.54
C GLU B 445 -17.02 -3.69 -24.29
N ASP B 446 -16.09 -3.35 -25.20
CA ASP B 446 -15.31 -4.36 -25.91
C ASP B 446 -14.01 -4.75 -25.18
N HIS B 447 -13.84 -4.30 -24.01
CA HIS B 447 -12.74 -4.79 -23.17
C HIS B 447 -13.14 -6.04 -22.38
N PRO B 448 -12.28 -7.06 -22.27
CA PRO B 448 -12.62 -8.28 -21.50
C PRO B 448 -13.16 -8.04 -20.10
N GLY B 449 -12.58 -7.07 -19.36
CA GLY B 449 -13.02 -6.86 -18.00
C GLY B 449 -14.48 -6.47 -17.92
N ALA B 450 -15.01 -5.85 -18.98
CA ALA B 450 -16.42 -5.47 -18.98
C ALA B 450 -17.35 -6.67 -18.95
N GLY B 451 -16.87 -7.81 -19.46
CA GLY B 451 -17.68 -9.03 -19.47
C GLY B 451 -17.95 -9.62 -18.10
N TYR B 452 -17.24 -9.17 -17.07
CA TYR B 452 -17.45 -9.64 -15.68
C TYR B 452 -18.42 -8.76 -14.89
N ARG B 453 -18.99 -7.73 -15.50
CA ARG B 453 -20.02 -6.94 -14.84
C ARG B 453 -21.30 -7.76 -14.69
N ALA B 454 -22.07 -7.42 -13.67
CA ALA B 454 -23.33 -8.10 -13.37
C ALA B 454 -24.25 -8.07 -14.58
N1 FMN C . -8.53 -8.27 15.10
C2 FMN C . -8.38 -8.12 13.74
O2 FMN C . -8.40 -9.08 12.99
N3 FMN C . -8.24 -6.84 13.21
C4 FMN C . -8.20 -5.75 14.04
O4 FMN C . -8.02 -4.61 13.54
C4A FMN C . -8.34 -5.91 15.42
N5 FMN C . -8.33 -4.81 16.27
C5A FMN C . -8.52 -4.99 17.63
C6 FMN C . -8.50 -3.89 18.48
C7 FMN C . -8.68 -4.04 19.85
C7M FMN C . -8.66 -2.80 20.71
C8 FMN C . -8.86 -5.32 20.40
C8M FMN C . -9.05 -5.56 21.88
C9 FMN C . -8.87 -6.43 19.54
C9A FMN C . -8.69 -6.28 18.17
N10 FMN C . -8.70 -7.39 17.32
C10 FMN C . -8.55 -7.19 15.95
C1' FMN C . -8.90 -8.80 17.86
C2' FMN C . -7.60 -9.32 18.48
O2' FMN C . -6.53 -9.15 17.59
C3' FMN C . -7.65 -10.78 18.95
O3' FMN C . -7.75 -11.69 17.87
C4' FMN C . -8.76 -11.02 19.96
O4' FMN C . -8.49 -10.11 21.02
C5' FMN C . -8.81 -12.46 20.47
O5' FMN C . -7.56 -12.83 21.03
P FMN C . -6.78 -14.15 20.53
O1P FMN C . -7.69 -15.33 20.66
O2P FMN C . -5.54 -14.37 21.36
O3P FMN C . -6.41 -13.91 19.08
HN3 FMN C . -8.15 -6.73 12.18
H6 FMN C . -8.35 -2.89 18.06
HM71 FMN C . -8.82 -3.08 21.75
HM72 FMN C . -9.47 -2.14 20.40
HM73 FMN C . -7.71 -2.30 20.61
HM81 FMN C . -9.17 -6.63 22.07
HM82 FMN C . -9.94 -5.03 22.21
HM83 FMN C . -8.18 -5.19 22.41
H9 FMN C . -9.02 -7.42 19.96
H1'1 FMN C . -9.19 -9.46 17.04
H1'2 FMN C . -9.69 -8.80 18.59
H2' FMN C . -7.41 -8.70 19.37
HO2' FMN C . -6.06 -9.99 17.47
H3' FMN C . -6.71 -10.98 19.46
HO3' FMN C . -8.52 -12.28 18.01
H4' FMN C . -9.72 -10.78 19.50
HO4' FMN C . -8.38 -10.62 21.85
H5'1 FMN C . -9.06 -13.13 19.65
H5'2 FMN C . -9.60 -12.56 21.22
N1 FMN D . 9.20 -4.70 -16.30
C2 FMN D . 9.04 -4.81 -14.93
O2 FMN D . 9.17 -5.90 -14.39
N3 FMN D . 8.73 -3.70 -14.17
C4 FMN D . 8.56 -2.47 -14.76
O4 FMN D . 8.27 -1.49 -14.03
C4A FMN D . 8.72 -2.35 -16.17
N5 FMN D . 8.56 -1.13 -16.81
C5A FMN D . 8.73 -1.04 -18.19
C6 FMN D . 8.57 0.19 -18.82
C7 FMN D . 8.74 0.31 -20.20
C7M FMN D . 8.56 1.67 -20.81
C8 FMN D . 9.06 -0.81 -20.97
C8M FMN D . 9.24 -0.73 -22.47
C9 FMN D . 9.22 -2.05 -20.34
C9A FMN D . 9.05 -2.17 -18.95
N10 FMN D . 9.21 -3.40 -18.32
C10 FMN D . 9.05 -3.48 -16.93
C1' FMN D . 9.55 -4.64 -19.11
C2' FMN D . 8.29 -5.19 -19.76
O2' FMN D . 7.26 -5.33 -18.79
C3' FMN D . 8.48 -6.54 -20.50
O3' FMN D . 8.65 -7.63 -19.63
C4' FMN D . 9.58 -6.49 -21.57
O4' FMN D . 9.18 -5.52 -22.51
C5' FMN D . 9.86 -7.87 -22.21
O5' FMN D . 8.68 -8.45 -22.74
P FMN D . 8.10 -9.92 -22.30
O1P FMN D . 7.67 -9.78 -20.86
O2P FMN D . 6.85 -10.22 -23.07
O3P FMN D . 9.20 -10.92 -22.47
HN3 FMN D . 8.60 -3.80 -13.14
H6 FMN D . 8.33 1.07 -18.24
HM71 FMN D . 8.71 1.62 -21.88
HM72 FMN D . 9.28 2.37 -20.38
HM73 FMN D . 7.54 2.03 -20.61
HM81 FMN D . 9.48 -1.73 -22.85
HM82 FMN D . 10.06 -0.05 -22.70
HM83 FMN D . 8.32 -0.38 -22.93
H9 FMN D . 9.46 -2.93 -20.93
H1'1 FMN D . 9.98 -5.39 -18.45
H1'2 FMN D . 10.29 -4.40 -19.88
H2' FMN D . 7.97 -4.46 -20.50
HO2' FMN D . 6.90 -6.24 -18.81
H3' FMN D . 7.54 -6.71 -21.05
HO3' FMN D . 9.46 -8.12 -19.90
H4' FMN D . 10.50 -6.16 -21.08
HO4' FMN D . 9.14 -5.92 -23.40
H5'1 FMN D . 10.28 -8.54 -21.46
H5'2 FMN D . 10.58 -7.75 -23.01
#